data_2Y3S
#
_entry.id   2Y3S
#
_cell.length_a   162.046
_cell.length_b   105.786
_cell.length_c   70.971
_cell.angle_alpha   90.00
_cell.angle_beta   110.67
_cell.angle_gamma   90.00
#
_symmetry.space_group_name_H-M   'C 1 2 1'
#
loop_
_entity.id
_entity.type
_entity.pdbx_description
1 polymer TAML
2 non-polymer 'FLAVIN-ADENINE DINUCLEOTIDE'
3 non-polymer 'TIRANDAMYCIN E'
4 non-polymer 'MAGNESIUM ION'
5 non-polymer GLYCEROL
6 non-polymer 'CHLORIDE ION'
7 water water
#
_entity_poly.entity_id   1
_entity_poly.type   'polypeptide(L)'
_entity_poly.pdbx_seq_one_letter_code
;MGSHHHHHHHHGSDYDIPTTENLYFQGSEFMKHIDSVAPGDIRYEDLRRGENLRFVGDPEEIHLVGSAAEIEQVLSRAVR
SGKRVAVRSGGHCYEDFVANSDVRVVMDMSRLSAVGFDEERGAFAVEAGATLGAVYKTLFRVWGVTLPGGACPDVGAGGH
ILGGGYGPLSRMHGSIVDYLHAVEVVVVDASGDARTVIATREPSDPNHDLWWAHTGGGGGNFGVVVRYWLRTAEADVPPE
PGRLLPRPPAEVLLNTTVWPWEGLDEAAFARLVRNHGRWFEQNSGPDSPWCDLYSVLALTRSQSGALAMTTQLDATGPDA
EKRLETYLAAVSEGVGVQPHSDTRRLPWLHSTRWPGIAGDGDMTGRAKIKAAYARRSFDDRQIGTLYTRLTSTDYDNPAG
VVALIAYGGKVNAVPADRTAVAQRDSILKIVYVTTWEDPAQDPVHVRWIRELYRDVYADTGGVPVPGGAADGAYVNYPDV
DLADEEWNTSGVPWSELYYKDAYPRLQAVKARWDPRNVFRHALSVRVPPA
;
_entity_poly.pdbx_strand_id   A,B
#
loop_
_chem_comp.id
_chem_comp.type
_chem_comp.name
_chem_comp.formula
CL non-polymer 'CHLORIDE ION' 'Cl -1'
FAD non-polymer 'FLAVIN-ADENINE DINUCLEOTIDE' 'C27 H33 N9 O15 P2'
GOL non-polymer GLYCEROL 'C3 H8 O3'
MG non-polymer 'MAGNESIUM ION' 'Mg 2'
TIR non-polymer 'TIRANDAMYCIN E' 'C22 H29 N O6'
#
# COMPACT_ATOMS: atom_id res chain seq x y z
N ILE A 34 19.56 -1.91 17.73
CA ILE A 34 19.29 -3.19 18.44
C ILE A 34 18.63 -4.15 17.45
N ASP A 35 19.46 -4.95 16.81
CA ASP A 35 19.04 -5.71 15.67
C ASP A 35 18.50 -7.07 15.98
N SER A 36 18.66 -7.51 17.22
N SER A 36 18.58 -7.48 17.26
CA SER A 36 18.04 -8.73 17.63
CA SER A 36 18.13 -8.79 17.71
C SER A 36 16.72 -8.28 18.25
C SER A 36 16.87 -8.57 18.56
N VAL A 37 15.75 -9.16 18.13
CA VAL A 37 14.44 -8.90 18.77
C VAL A 37 14.00 -10.19 19.43
N ALA A 38 13.84 -10.15 20.74
CA ALA A 38 13.46 -11.32 21.51
C ALA A 38 12.12 -11.08 22.17
N PRO A 39 11.51 -12.14 22.73
CA PRO A 39 10.29 -11.88 23.47
C PRO A 39 10.40 -10.80 24.58
N GLY A 40 9.43 -9.89 24.63
CA GLY A 40 9.45 -8.77 25.58
C GLY A 40 9.79 -7.45 24.90
N ASP A 41 10.48 -7.53 23.77
CA ASP A 41 10.80 -6.31 22.97
C ASP A 41 9.46 -5.83 22.40
N ILE A 42 9.20 -4.50 22.44
CA ILE A 42 7.98 -3.95 21.90
C ILE A 42 7.74 -4.39 20.44
N ARG A 43 8.81 -4.75 19.72
CA ARG A 43 8.66 -5.09 18.30
C ARG A 43 8.31 -6.56 18.09
N TYR A 44 8.37 -7.35 19.16
CA TYR A 44 8.23 -8.80 18.97
C TYR A 44 6.86 -9.28 18.39
N GLU A 45 5.75 -8.71 18.88
CA GLU A 45 4.45 -9.13 18.32
C GLU A 45 4.29 -8.92 16.83
N ASP A 46 4.76 -7.79 16.33
CA ASP A 46 4.78 -7.58 14.89
C ASP A 46 5.75 -8.48 14.13
N LEU A 47 6.99 -8.49 14.54
CA LEU A 47 8.06 -9.20 13.84
C LEU A 47 7.98 -10.75 13.94
N ARG A 48 7.29 -11.32 14.95
CA ARG A 48 7.02 -12.80 14.99
C ARG A 48 5.98 -13.29 13.99
N ARG A 49 5.30 -12.36 13.31
CA ARG A 49 4.32 -12.73 12.38
C ARG A 49 4.71 -12.21 10.97
N GLY A 50 4.21 -12.83 9.89
CA GLY A 50 4.24 -12.17 8.54
C GLY A 50 2.88 -11.47 8.40
N GLU A 51 2.37 -11.44 7.18
CA GLU A 51 1.11 -10.75 6.89
C GLU A 51 -0.06 -11.74 6.96
N ASN A 52 0.26 -12.98 7.27
CA ASN A 52 -0.78 -13.97 7.37
C ASN A 52 -1.09 -14.17 8.86
N LEU A 53 -2.21 -13.67 9.34
CA LEU A 53 -2.44 -13.68 10.80
C LEU A 53 -2.85 -15.02 11.41
N ARG A 54 -3.06 -16.04 10.57
CA ARG A 54 -3.27 -17.44 11.02
C ARG A 54 -2.03 -17.98 11.73
N PHE A 55 -0.86 -17.42 11.41
CA PHE A 55 0.37 -18.05 11.86
C PHE A 55 1.15 -17.20 12.80
N VAL A 56 1.39 -17.66 14.02
CA VAL A 56 2.19 -16.90 15.00
C VAL A 56 3.48 -17.61 15.28
N GLY A 57 4.61 -17.00 14.92
CA GLY A 57 5.91 -17.70 15.14
C GLY A 57 6.32 -17.63 16.59
N ASP A 58 7.10 -18.58 17.06
CA ASP A 58 7.73 -18.47 18.39
C ASP A 58 9.28 -18.36 18.40
N PRO A 59 9.89 -17.51 17.54
CA PRO A 59 11.36 -17.53 17.50
C PRO A 59 11.93 -16.97 18.76
N GLU A 60 13.06 -17.54 19.21
CA GLU A 60 13.78 -16.96 20.34
C GLU A 60 14.41 -15.63 19.97
N GLU A 61 14.85 -15.49 18.72
CA GLU A 61 15.46 -14.22 18.25
C GLU A 61 15.01 -13.97 16.82
N ILE A 62 14.66 -12.71 16.56
CA ILE A 62 14.50 -12.25 15.19
C ILE A 62 15.59 -11.26 14.90
N HIS A 63 16.44 -11.60 13.93
CA HIS A 63 17.62 -10.73 13.61
C HIS A 63 17.31 -9.89 12.40
N LEU A 64 17.34 -8.58 12.59
CA LEU A 64 17.17 -7.65 11.45
C LEU A 64 18.52 -7.46 10.78
N VAL A 65 18.84 -8.38 9.90
CA VAL A 65 20.20 -8.51 9.34
C VAL A 65 20.47 -7.36 8.38
N GLY A 66 21.73 -6.95 8.27
CA GLY A 66 22.03 -5.80 7.41
C GLY A 66 23.03 -6.05 6.29
N SER A 67 23.50 -7.30 6.17
CA SER A 67 24.56 -7.59 5.19
C SER A 67 24.74 -9.10 5.09
N ALA A 68 25.38 -9.55 4.00
CA ALA A 68 25.75 -10.98 3.85
C ALA A 68 26.53 -11.47 5.06
N ALA A 69 27.42 -10.63 5.58
CA ALA A 69 28.35 -11.08 6.66
C ALA A 69 27.54 -11.27 7.97
N GLU A 70 26.54 -10.41 8.16
CA GLU A 70 25.60 -10.58 9.30
C GLU A 70 24.83 -11.84 9.18
N ILE A 71 24.34 -12.12 7.96
CA ILE A 71 23.63 -13.35 7.68
C ILE A 71 24.52 -14.60 8.04
N GLU A 72 25.76 -14.60 7.54
CA GLU A 72 26.63 -15.76 7.75
C GLU A 72 26.80 -15.92 9.23
N GLN A 73 26.92 -14.81 9.99
CA GLN A 73 27.09 -14.92 11.46
C GLN A 73 25.87 -15.57 12.15
N VAL A 74 24.67 -15.03 11.87
CA VAL A 74 23.45 -15.59 12.43
C VAL A 74 23.31 -17.07 12.09
N LEU A 75 23.54 -17.43 10.83
CA LEU A 75 23.29 -18.77 10.35
C LEU A 75 24.28 -19.77 10.96
N SER A 76 25.57 -19.43 10.95
CA SER A 76 26.57 -20.34 11.53
CA SER A 76 26.56 -20.35 11.54
C SER A 76 26.31 -20.60 13.01
N ARG A 77 25.95 -19.55 13.75
CA ARG A 77 25.66 -19.68 15.17
C ARG A 77 24.45 -20.56 15.43
N ALA A 78 23.39 -20.38 14.62
CA ALA A 78 22.18 -21.17 14.75
C ALA A 78 22.41 -22.63 14.40
N VAL A 79 23.08 -22.85 13.30
CA VAL A 79 23.34 -24.20 12.84
C VAL A 79 24.27 -24.91 13.86
N ARG A 80 25.35 -24.25 14.33
CA ARG A 80 26.18 -24.88 15.40
C ARG A 80 25.41 -25.19 16.67
N SER A 81 24.40 -24.38 17.00
CA SER A 81 23.60 -24.56 18.19
CA SER A 81 23.63 -24.62 18.21
C SER A 81 22.39 -25.47 17.99
N GLY A 82 22.23 -25.99 16.77
CA GLY A 82 21.09 -26.84 16.42
C GLY A 82 19.73 -26.16 16.40
N LYS A 83 19.72 -24.86 16.09
CA LYS A 83 18.45 -24.14 16.14
CA LYS A 83 18.51 -24.00 16.12
C LYS A 83 17.89 -23.88 14.72
N ARG A 84 16.62 -24.29 14.54
CA ARG A 84 15.95 -24.19 13.26
C ARG A 84 15.83 -22.69 12.86
N VAL A 85 16.11 -22.40 11.59
CA VAL A 85 16.02 -21.03 11.07
C VAL A 85 14.95 -20.86 9.97
N ALA A 86 14.60 -19.59 9.71
CA ALA A 86 13.80 -19.28 8.56
C ALA A 86 14.06 -17.83 8.19
N VAL A 87 13.80 -17.47 6.94
CA VAL A 87 13.99 -16.08 6.49
C VAL A 87 12.61 -15.46 6.27
N ARG A 88 12.45 -14.21 6.72
CA ARG A 88 11.28 -13.42 6.27
C ARG A 88 11.75 -12.21 5.43
N SER A 89 11.19 -12.05 4.26
CA SER A 89 11.38 -10.80 3.50
CA SER A 89 11.39 -10.82 3.51
C SER A 89 10.06 -10.01 3.56
N GLY A 90 9.20 -10.14 2.57
CA GLY A 90 7.87 -9.44 2.66
C GLY A 90 6.78 -9.99 3.59
N GLY A 91 6.89 -11.26 4.07
CA GLY A 91 5.90 -11.82 5.03
C GLY A 91 4.65 -12.24 4.36
N HIS A 92 4.62 -12.30 3.03
CA HIS A 92 3.41 -12.74 2.33
C HIS A 92 3.09 -14.27 2.22
N CYS A 93 3.97 -15.11 2.82
CA CYS A 93 3.76 -16.61 2.72
C CYS A 93 2.31 -16.98 3.05
N TYR A 94 1.64 -17.70 2.15
CA TYR A 94 0.30 -18.21 2.43
C TYR A 94 0.28 -19.43 3.37
N GLU A 95 1.44 -20.06 3.60
CA GLU A 95 1.54 -21.17 4.52
C GLU A 95 2.47 -20.82 5.69
N ASP A 96 2.70 -21.81 6.63
CA ASP A 96 3.32 -21.53 7.91
C ASP A 96 4.83 -21.71 7.78
N PHE A 97 5.38 -21.53 6.59
CA PHE A 97 6.84 -21.90 6.35
C PHE A 97 7.81 -21.15 7.28
N VAL A 98 7.46 -19.91 7.59
CA VAL A 98 8.36 -19.03 8.36
C VAL A 98 8.00 -18.98 9.84
N ALA A 99 6.70 -18.94 10.12
CA ALA A 99 6.17 -18.81 11.46
C ALA A 99 6.01 -20.19 12.16
N ASN A 100 6.31 -21.29 11.45
CA ASN A 100 6.26 -22.67 12.00
C ASN A 100 6.81 -22.66 13.45
N SER A 101 6.09 -23.31 14.37
N SER A 101 6.09 -23.21 14.41
CA SER A 101 6.40 -23.24 15.81
CA SER A 101 6.49 -23.06 15.81
C SER A 101 7.79 -23.80 16.16
C SER A 101 7.90 -23.63 16.09
N ASP A 102 8.38 -24.56 15.26
CA ASP A 102 9.73 -25.13 15.48
C ASP A 102 10.83 -24.13 15.17
N VAL A 103 10.50 -23.07 14.41
CA VAL A 103 11.57 -22.15 14.00
C VAL A 103 12.02 -21.37 15.22
N ARG A 104 13.34 -21.42 15.55
CA ARG A 104 13.91 -20.71 16.69
C ARG A 104 14.55 -19.37 16.32
N VAL A 105 14.98 -19.21 15.08
CA VAL A 105 15.75 -18.05 14.72
C VAL A 105 15.24 -17.57 13.37
N VAL A 106 14.76 -16.33 13.34
CA VAL A 106 14.28 -15.70 12.10
C VAL A 106 15.33 -14.66 11.63
N MET A 107 15.63 -14.66 10.32
CA MET A 107 16.40 -13.57 9.70
C MET A 107 15.36 -12.76 8.94
N ASP A 108 15.15 -11.50 9.33
CA ASP A 108 14.19 -10.58 8.72
C ASP A 108 15.01 -9.62 7.88
N MET A 109 14.62 -9.48 6.62
CA MET A 109 15.42 -8.80 5.61
C MET A 109 15.04 -7.35 5.48
N SER A 110 14.28 -6.82 6.45
CA SER A 110 13.76 -5.40 6.36
C SER A 110 14.77 -4.34 6.07
N ARG A 111 15.96 -4.44 6.64
CA ARG A 111 16.99 -3.40 6.39
C ARG A 111 17.63 -3.53 5.01
N LEU A 112 17.43 -4.67 4.33
CA LEU A 112 18.00 -4.87 3.00
C LEU A 112 16.87 -4.69 1.97
N SER A 113 16.54 -3.43 1.71
CA SER A 113 15.40 -3.11 0.92
C SER A 113 15.78 -2.24 -0.27
N ALA A 114 17.08 -2.11 -0.55
CA ALA A 114 17.51 -1.24 -1.65
C ALA A 114 17.14 -1.79 -3.05
N VAL A 115 16.87 -0.85 -3.96
CA VAL A 115 16.63 -1.09 -5.36
C VAL A 115 17.44 -0.08 -6.12
N GLY A 116 18.20 -0.55 -7.12
CA GLY A 116 18.95 0.44 -7.97
C GLY A 116 19.64 -0.29 -9.11
N PHE A 117 20.52 0.42 -9.79
CA PHE A 117 21.20 -0.15 -10.95
C PHE A 117 22.66 -0.34 -10.59
N ASP A 118 23.14 -1.60 -10.65
CA ASP A 118 24.52 -1.96 -10.24
C ASP A 118 25.40 -1.79 -11.45
N GLU A 119 26.14 -0.67 -11.54
CA GLU A 119 26.99 -0.41 -12.72
C GLU A 119 28.10 -1.40 -12.91
N GLU A 120 28.65 -1.90 -11.81
CA GLU A 120 29.75 -2.83 -11.89
C GLU A 120 29.30 -4.19 -12.50
N ARG A 121 28.03 -4.59 -12.31
CA ARG A 121 27.46 -5.80 -12.97
C ARG A 121 26.65 -5.57 -14.26
N GLY A 122 26.27 -4.32 -14.56
CA GLY A 122 25.38 -4.08 -15.70
C GLY A 122 23.98 -4.64 -15.51
N ALA A 123 23.45 -4.62 -14.29
CA ALA A 123 22.10 -5.16 -14.05
C ALA A 123 21.42 -4.45 -12.91
N PHE A 124 20.08 -4.58 -12.80
CA PHE A 124 19.43 -3.92 -11.67
C PHE A 124 19.54 -4.77 -10.42
N ALA A 125 19.91 -4.20 -9.28
CA ALA A 125 20.01 -4.97 -8.00
C ALA A 125 18.81 -4.73 -7.11
N VAL A 126 18.16 -5.81 -6.73
CA VAL A 126 16.93 -5.71 -5.88
C VAL A 126 17.26 -6.57 -4.65
N GLU A 127 17.38 -5.89 -3.51
CA GLU A 127 17.64 -6.58 -2.23
C GLU A 127 16.38 -7.33 -1.78
N ALA A 128 16.58 -8.44 -1.05
CA ALA A 128 15.46 -9.31 -0.82
C ALA A 128 14.33 -8.67 -0.07
N GLY A 129 14.62 -7.78 0.87
CA GLY A 129 13.53 -7.11 1.59
C GLY A 129 12.83 -5.96 0.88
N ALA A 130 13.20 -5.68 -0.37
CA ALA A 130 12.49 -4.61 -1.13
C ALA A 130 11.04 -5.08 -1.39
N THR A 131 10.06 -4.22 -1.11
CA THR A 131 8.72 -4.57 -1.56
C THR A 131 8.49 -4.24 -3.09
N LEU A 132 7.52 -4.90 -3.71
CA LEU A 132 7.24 -4.75 -5.16
C LEU A 132 6.82 -3.29 -5.44
N GLY A 133 6.07 -2.69 -4.51
CA GLY A 133 5.69 -1.23 -4.68
C GLY A 133 7.00 -0.44 -4.79
N ALA A 134 7.97 -0.70 -3.93
CA ALA A 134 9.24 0.06 -4.06
C ALA A 134 10.02 -0.26 -5.33
N VAL A 135 10.07 -1.54 -5.67
CA VAL A 135 10.69 -1.93 -6.90
C VAL A 135 10.08 -1.17 -8.10
N TYR A 136 8.76 -1.10 -8.16
CA TYR A 136 8.13 -0.57 -9.38
C TYR A 136 8.29 0.96 -9.42
N LYS A 137 8.15 1.60 -8.28
CA LYS A 137 8.25 3.07 -8.22
C LYS A 137 9.72 3.47 -8.54
N THR A 138 10.69 2.76 -8.00
CA THR A 138 12.11 3.08 -8.29
C THR A 138 12.48 2.83 -9.72
N LEU A 139 12.14 1.64 -10.23
CA LEU A 139 12.51 1.29 -11.60
C LEU A 139 11.84 2.24 -12.58
N PHE A 140 10.56 2.52 -12.36
CA PHE A 140 9.86 3.33 -13.31
C PHE A 140 10.16 4.84 -13.18
N ARG A 141 10.05 5.41 -11.98
CA ARG A 141 10.27 6.88 -11.90
C ARG A 141 11.72 7.20 -12.22
N VAL A 142 12.69 6.35 -11.89
CA VAL A 142 14.10 6.75 -12.17
C VAL A 142 14.59 6.36 -13.59
N TRP A 143 14.16 5.21 -14.09
CA TRP A 143 14.68 4.67 -15.36
C TRP A 143 13.64 4.36 -16.44
N GLY A 144 12.36 4.45 -16.10
CA GLY A 144 11.30 4.22 -17.06
C GLY A 144 11.16 2.75 -17.46
N VAL A 145 11.61 1.88 -16.57
CA VAL A 145 11.49 0.42 -16.86
C VAL A 145 10.72 -0.27 -15.72
N THR A 146 10.49 -1.56 -15.88
CA THR A 146 9.81 -2.37 -14.88
C THR A 146 10.16 -3.88 -14.98
N LEU A 147 9.57 -4.65 -14.06
CA LEU A 147 9.64 -6.14 -14.08
C LEU A 147 8.22 -6.63 -14.04
N PRO A 148 7.95 -7.73 -14.79
CA PRO A 148 6.60 -8.33 -14.85
C PRO A 148 6.36 -9.25 -13.62
N GLY A 149 6.50 -8.66 -12.44
CA GLY A 149 6.22 -9.29 -11.14
C GLY A 149 4.73 -9.16 -10.70
N GLY A 150 4.50 -9.40 -9.43
CA GLY A 150 3.17 -9.49 -8.88
C GLY A 150 2.40 -8.17 -8.82
N ALA A 151 1.08 -8.31 -8.76
CA ALA A 151 0.17 -7.29 -8.37
C ALA A 151 0.29 -6.72 -6.94
N CYS A 152 0.48 -7.49 -5.88
CA CYS A 152 0.44 -6.68 -4.62
C CYS A 152 1.67 -5.87 -4.23
N PRO A 153 1.54 -4.54 -3.98
CA PRO A 153 2.74 -3.78 -3.67
C PRO A 153 3.49 -4.14 -2.39
N ASP A 154 2.81 -4.83 -1.44
CA ASP A 154 3.42 -5.12 -0.13
C ASP A 154 4.25 -6.44 -0.21
N VAL A 155 4.22 -7.12 -1.33
CA VAL A 155 4.92 -8.42 -1.45
C VAL A 155 6.43 -8.18 -1.44
N GLY A 156 7.21 -9.08 -0.82
CA GLY A 156 8.69 -8.84 -0.83
C GLY A 156 9.34 -9.52 -1.98
N ALA A 157 10.44 -8.92 -2.53
CA ALA A 157 11.26 -9.61 -3.55
C ALA A 157 11.75 -11.02 -3.12
N GLY A 158 12.14 -11.15 -1.84
CA GLY A 158 12.79 -12.38 -1.32
C GLY A 158 12.07 -13.68 -1.70
N GLY A 159 10.83 -13.78 -1.23
CA GLY A 159 9.99 -14.98 -1.56
C GLY A 159 9.45 -14.93 -2.97
N HIS A 160 9.17 -13.71 -3.46
CA HIS A 160 8.43 -13.61 -4.68
C HIS A 160 9.19 -14.04 -5.93
N ILE A 161 10.42 -13.51 -6.09
CA ILE A 161 11.15 -13.82 -7.28
C ILE A 161 11.52 -15.30 -7.27
N LEU A 162 12.02 -15.79 -6.10
CA LEU A 162 12.42 -17.22 -5.99
C LEU A 162 11.34 -18.18 -6.43
N GLY A 163 10.09 -17.84 -6.13
CA GLY A 163 8.96 -18.70 -6.49
C GLY A 163 8.38 -18.56 -7.90
N GLY A 164 8.93 -17.69 -8.77
CA GLY A 164 8.43 -17.65 -10.13
C GLY A 164 7.41 -16.50 -10.27
N GLY A 165 7.61 -15.42 -9.53
CA GLY A 165 6.73 -14.24 -9.53
C GLY A 165 6.17 -13.86 -10.94
N TYR A 166 4.88 -13.53 -11.01
CA TYR A 166 4.25 -13.15 -12.29
C TYR A 166 3.17 -12.14 -11.87
N GLY A 167 2.60 -11.45 -12.86
CA GLY A 167 1.48 -10.49 -12.56
C GLY A 167 0.90 -9.88 -13.81
N PRO A 168 0.36 -8.63 -13.70
CA PRO A 168 -0.37 -8.00 -14.83
C PRO A 168 0.44 -7.97 -16.15
N LEU A 169 1.76 -7.70 -16.12
CA LEU A 169 2.49 -7.59 -17.36
C LEU A 169 3.12 -8.93 -17.83
N SER A 170 2.77 -10.06 -17.23
CA SER A 170 3.46 -11.33 -17.62
C SER A 170 3.11 -11.87 -18.99
N ARG A 171 1.84 -11.67 -19.42
CA ARG A 171 1.52 -12.02 -20.79
C ARG A 171 2.34 -11.24 -21.79
N MET A 172 2.65 -10.00 -21.43
CA MET A 172 3.45 -9.11 -22.32
CA MET A 172 3.45 -9.10 -22.31
C MET A 172 4.97 -9.38 -22.17
N HIS A 173 5.44 -9.79 -20.98
CA HIS A 173 6.93 -9.79 -20.73
C HIS A 173 7.47 -11.02 -19.95
N GLY A 174 6.60 -12.01 -19.69
CA GLY A 174 7.04 -13.26 -19.03
C GLY A 174 7.03 -13.17 -17.52
N SER A 175 7.63 -14.17 -16.87
CA SER A 175 7.77 -14.16 -15.41
C SER A 175 8.91 -13.24 -15.02
N ILE A 176 8.88 -12.74 -13.79
CA ILE A 176 10.02 -11.92 -13.29
C ILE A 176 11.34 -12.76 -13.36
N VAL A 177 11.24 -14.11 -13.23
CA VAL A 177 12.48 -14.93 -13.28
C VAL A 177 13.10 -15.04 -14.65
N ASP A 178 12.36 -14.71 -15.71
CA ASP A 178 12.93 -14.58 -17.06
C ASP A 178 13.85 -13.41 -17.19
N TYR A 179 14.01 -12.58 -16.14
CA TYR A 179 14.97 -11.48 -16.11
C TYR A 179 16.07 -11.71 -15.08
N LEU A 180 16.06 -12.86 -14.39
CA LEU A 180 17.03 -13.10 -13.32
C LEU A 180 18.39 -13.39 -13.95
N HIS A 181 19.34 -12.49 -13.78
CA HIS A 181 20.66 -12.65 -14.34
C HIS A 181 21.61 -13.31 -13.35
N ALA A 182 21.52 -12.90 -12.08
CA ALA A 182 22.37 -13.46 -11.04
C ALA A 182 21.72 -13.32 -9.68
N VAL A 183 22.22 -14.09 -8.73
CA VAL A 183 21.72 -14.02 -7.34
C VAL A 183 22.88 -14.19 -6.36
N GLU A 184 22.76 -13.50 -5.23
CA GLU A 184 23.76 -13.60 -4.15
C GLU A 184 23.06 -14.28 -3.04
N VAL A 185 23.59 -15.45 -2.64
CA VAL A 185 22.88 -16.30 -1.67
CA VAL A 185 22.90 -16.34 -1.69
C VAL A 185 23.85 -16.80 -0.59
N VAL A 186 23.42 -16.79 0.67
CA VAL A 186 24.23 -17.36 1.79
C VAL A 186 23.75 -18.79 2.02
N VAL A 187 24.70 -19.73 1.94
CA VAL A 187 24.39 -21.19 1.91
C VAL A 187 25.16 -21.78 3.06
N VAL A 188 24.76 -22.96 3.55
CA VAL A 188 25.44 -23.57 4.68
C VAL A 188 26.14 -24.84 4.11
N ASP A 189 27.45 -24.92 4.39
N ASP A 189 27.45 -25.00 4.33
CA ASP A 189 28.35 -26.05 4.09
CA ASP A 189 28.13 -26.20 3.84
C ASP A 189 27.92 -27.37 4.80
C ASP A 189 27.96 -27.36 4.80
N ALA A 190 28.43 -28.53 4.36
CA ALA A 190 28.21 -29.79 5.10
C ALA A 190 28.64 -29.70 6.57
N SER A 191 29.66 -28.88 6.80
CA SER A 191 30.36 -28.63 8.09
CA SER A 191 30.21 -28.84 8.15
C SER A 191 29.47 -27.85 9.05
N GLY A 192 28.55 -27.06 8.44
CA GLY A 192 27.64 -26.23 9.19
C GLY A 192 28.00 -24.76 9.18
N ASP A 193 29.05 -24.41 8.49
CA ASP A 193 29.37 -22.97 8.45
C ASP A 193 28.73 -22.36 7.21
N ALA A 194 28.44 -21.09 7.30
CA ALA A 194 27.77 -20.40 6.22
C ALA A 194 28.78 -19.63 5.39
N ARG A 195 28.47 -19.45 4.09
CA ARG A 195 29.34 -18.73 3.17
C ARG A 195 28.47 -18.03 2.11
N THR A 196 29.04 -17.03 1.44
CA THR A 196 28.27 -16.24 0.50
C THR A 196 28.67 -16.65 -0.89
N VAL A 197 27.72 -16.92 -1.76
CA VAL A 197 28.13 -17.18 -3.14
CA VAL A 197 28.02 -17.32 -3.13
C VAL A 197 27.26 -16.41 -4.10
N ILE A 198 27.82 -16.17 -5.28
CA ILE A 198 27.09 -15.48 -6.35
C ILE A 198 26.90 -16.52 -7.45
N ALA A 199 25.70 -16.64 -7.94
CA ALA A 199 25.40 -17.61 -8.99
C ALA A 199 24.75 -16.89 -10.15
N THR A 200 25.17 -17.20 -11.38
CA THR A 200 24.67 -16.49 -12.60
C THR A 200 24.15 -17.40 -13.68
N ARG A 201 23.46 -16.76 -14.61
CA ARG A 201 22.84 -17.31 -15.84
C ARG A 201 23.88 -17.79 -16.85
N GLU A 202 25.14 -17.38 -16.69
CA GLU A 202 26.18 -17.73 -17.69
C GLU A 202 26.37 -19.23 -17.64
N PRO A 203 26.25 -19.95 -18.78
CA PRO A 203 26.28 -21.43 -18.71
C PRO A 203 27.59 -21.95 -18.17
N SER A 204 28.68 -21.20 -18.38
CA SER A 204 29.94 -21.62 -17.81
C SER A 204 30.18 -21.32 -16.32
N ASP A 205 29.28 -20.58 -15.67
N ASP A 205 29.28 -20.58 -15.67
CA ASP A 205 29.41 -20.25 -14.25
CA ASP A 205 29.44 -20.27 -14.25
C ASP A 205 29.37 -21.59 -13.46
C ASP A 205 29.39 -21.60 -13.47
N PRO A 206 30.34 -21.80 -12.54
CA PRO A 206 30.38 -23.08 -11.81
C PRO A 206 29.15 -23.27 -10.89
N ASN A 207 28.48 -22.16 -10.55
CA ASN A 207 27.28 -22.22 -9.68
C ASN A 207 26.00 -22.02 -10.46
N HIS A 208 26.06 -22.26 -11.76
CA HIS A 208 24.97 -22.03 -12.64
C HIS A 208 23.75 -22.82 -12.21
N ASP A 209 23.91 -24.07 -11.76
N ASP A 209 24.00 -24.05 -11.70
CA ASP A 209 22.71 -24.80 -11.35
CA ASP A 209 22.95 -24.91 -11.13
C ASP A 209 22.02 -24.14 -10.10
C ASP A 209 22.10 -24.18 -10.11
N LEU A 210 22.81 -23.47 -9.23
CA LEU A 210 22.22 -22.73 -8.09
C LEU A 210 21.38 -21.51 -8.60
N TRP A 211 21.91 -20.81 -9.57
CA TRP A 211 21.17 -19.72 -10.30
C TRP A 211 19.84 -20.29 -10.85
N TRP A 212 19.92 -21.42 -11.51
CA TRP A 212 18.73 -22.02 -12.12
C TRP A 212 17.66 -22.31 -11.09
N ALA A 213 18.07 -22.87 -9.93
CA ALA A 213 17.10 -23.23 -8.88
C ALA A 213 16.40 -21.98 -8.35
N HIS A 214 17.04 -20.83 -8.55
CA HIS A 214 16.42 -19.60 -8.06
C HIS A 214 15.38 -19.02 -9.04
N THR A 215 15.23 -19.61 -10.22
CA THR A 215 14.26 -19.14 -11.26
C THR A 215 12.94 -19.90 -11.11
N GLY A 216 12.55 -20.11 -9.85
CA GLY A 216 11.25 -20.75 -9.56
C GLY A 216 11.30 -21.82 -8.50
N GLY A 217 12.50 -22.13 -7.99
CA GLY A 217 12.66 -23.20 -7.00
C GLY A 217 11.94 -22.96 -5.67
N GLY A 218 11.56 -21.71 -5.35
CA GLY A 218 10.78 -21.39 -4.16
C GLY A 218 11.59 -20.94 -2.98
N GLY A 219 11.05 -20.03 -2.15
CA GLY A 219 11.76 -19.62 -0.97
C GLY A 219 11.96 -20.72 0.10
N GLY A 220 12.96 -20.52 0.96
CA GLY A 220 13.15 -21.27 2.16
C GLY A 220 13.73 -22.68 1.84
N ASN A 221 14.33 -22.85 0.66
CA ASN A 221 14.87 -24.16 0.23
C ASN A 221 16.39 -24.30 0.16
N PHE A 222 17.08 -23.28 -0.33
CA PHE A 222 18.50 -23.45 -0.66
C PHE A 222 19.49 -22.61 0.13
N GLY A 223 19.02 -21.50 0.70
CA GLY A 223 19.93 -20.56 1.31
C GLY A 223 19.23 -19.19 1.36
N VAL A 224 19.93 -18.19 1.92
CA VAL A 224 19.30 -16.89 2.17
C VAL A 224 19.72 -15.96 1.02
N VAL A 225 18.73 -15.53 0.23
CA VAL A 225 19.03 -14.65 -0.88
C VAL A 225 19.25 -13.28 -0.26
N VAL A 226 20.37 -12.65 -0.59
CA VAL A 226 20.61 -11.28 -0.12
C VAL A 226 20.10 -10.32 -1.17
N ARG A 227 20.50 -10.53 -2.42
CA ARG A 227 20.02 -9.68 -3.53
C ARG A 227 19.93 -10.47 -4.82
N TYR A 228 19.03 -10.01 -5.66
CA TYR A 228 18.86 -10.49 -7.02
C TYR A 228 19.33 -9.39 -8.03
N TRP A 229 19.94 -9.86 -9.13
CA TRP A 229 20.35 -8.97 -10.23
C TRP A 229 19.52 -9.29 -11.44
N LEU A 230 18.84 -8.27 -11.98
CA LEU A 230 17.92 -8.52 -13.08
C LEU A 230 18.26 -7.66 -14.28
N ARG A 231 18.13 -8.27 -15.46
CA ARG A 231 18.18 -7.51 -16.76
C ARG A 231 17.70 -8.49 -17.81
N THR A 232 17.33 -7.99 -18.98
CA THR A 232 16.93 -8.79 -20.11
C THR A 232 18.07 -9.76 -20.52
N ALA A 233 17.71 -10.93 -21.04
CA ALA A 233 18.73 -11.89 -21.53
C ALA A 233 18.95 -11.76 -23.02
N GLU A 234 18.16 -10.95 -23.71
CA GLU A 234 18.51 -10.57 -25.10
C GLU A 234 19.98 -10.12 -25.20
N ALA A 235 20.71 -10.67 -26.20
CA ALA A 235 22.16 -10.34 -26.39
C ALA A 235 22.50 -9.04 -27.15
N ASP A 236 21.56 -8.55 -27.97
CA ASP A 236 21.86 -7.38 -28.82
C ASP A 236 21.91 -6.05 -28.04
N VAL A 237 21.36 -6.02 -26.82
CA VAL A 237 21.06 -4.76 -26.14
C VAL A 237 22.24 -3.97 -25.51
N PRO A 238 22.34 -2.67 -25.84
CA PRO A 238 23.40 -1.80 -25.30
C PRO A 238 23.31 -1.74 -23.77
N PRO A 239 24.46 -1.52 -23.10
CA PRO A 239 24.56 -1.56 -21.65
C PRO A 239 24.06 -0.29 -20.91
N GLU A 240 22.82 0.10 -21.17
CA GLU A 240 22.20 1.30 -20.61
CA GLU A 240 22.23 1.28 -20.55
C GLU A 240 21.02 0.88 -19.74
N PRO A 241 20.91 1.41 -18.50
CA PRO A 241 19.82 0.94 -17.61
C PRO A 241 18.44 1.08 -18.25
N GLY A 242 18.20 2.20 -18.93
CA GLY A 242 16.92 2.48 -19.58
C GLY A 242 16.53 1.39 -20.58
N ARG A 243 17.52 0.61 -21.05
CA ARG A 243 17.33 -0.31 -22.14
C ARG A 243 17.35 -1.75 -21.62
N LEU A 244 17.73 -1.95 -20.36
CA LEU A 244 18.06 -3.31 -19.83
C LEU A 244 16.91 -4.08 -19.19
N LEU A 245 15.73 -3.45 -19.13
CA LEU A 245 14.50 -4.06 -18.62
C LEU A 245 13.38 -3.43 -19.42
N PRO A 246 12.23 -4.09 -19.49
CA PRO A 246 11.12 -3.73 -20.34
C PRO A 246 10.53 -2.44 -19.90
N ARG A 247 10.15 -1.62 -20.88
CA ARG A 247 9.28 -0.48 -20.62
C ARG A 247 7.84 -0.94 -20.49
N PRO A 248 7.15 -0.48 -19.44
CA PRO A 248 5.71 -0.84 -19.40
C PRO A 248 4.91 0.00 -20.42
N PRO A 249 3.63 -0.33 -20.65
CA PRO A 249 2.86 0.56 -21.51
C PRO A 249 2.83 1.99 -20.85
N ALA A 250 2.84 3.12 -21.56
CA ALA A 250 2.81 4.44 -20.82
C ALA A 250 1.47 4.66 -20.09
N GLU A 251 0.42 4.15 -20.68
CA GLU A 251 -0.94 4.27 -20.16
C GLU A 251 -1.71 2.99 -20.40
N VAL A 252 -2.65 2.69 -19.50
CA VAL A 252 -3.49 1.55 -19.72
C VAL A 252 -4.97 1.85 -19.58
N LEU A 253 -5.76 1.03 -20.25
CA LEU A 253 -7.21 1.04 -20.01
C LEU A 253 -7.51 0.06 -18.88
N LEU A 254 -8.34 0.47 -17.93
CA LEU A 254 -8.70 -0.37 -16.79
C LEU A 254 -10.18 -0.44 -16.80
N ASN A 255 -10.71 -1.65 -16.86
CA ASN A 255 -12.16 -1.78 -16.80
C ASN A 255 -12.60 -2.57 -15.56
N THR A 256 -13.71 -2.13 -14.96
CA THR A 256 -14.45 -2.95 -13.99
C THR A 256 -15.77 -3.37 -14.55
N THR A 257 -16.04 -4.68 -14.52
CA THR A 257 -17.33 -5.18 -15.02
C THR A 257 -17.97 -5.96 -13.89
N VAL A 258 -19.27 -5.71 -13.64
CA VAL A 258 -19.98 -6.35 -12.53
C VAL A 258 -21.29 -6.91 -13.06
N TRP A 259 -21.57 -8.20 -12.80
CA TRP A 259 -22.86 -8.83 -13.06
C TRP A 259 -23.57 -9.13 -11.74
N PRO A 260 -24.83 -8.60 -11.55
CA PRO A 260 -25.51 -8.98 -10.30
C PRO A 260 -25.75 -10.49 -10.26
N TRP A 261 -25.67 -11.09 -9.06
CA TRP A 261 -25.94 -12.50 -8.86
C TRP A 261 -27.45 -12.81 -8.79
N GLU A 262 -28.24 -11.84 -8.35
CA GLU A 262 -29.71 -11.95 -8.19
C GLU A 262 -30.39 -12.54 -9.43
N GLY A 263 -30.26 -11.96 -10.62
CA GLY A 263 -30.94 -12.67 -11.74
C GLY A 263 -30.19 -13.80 -12.49
N LEU A 264 -29.16 -14.39 -11.85
CA LEU A 264 -28.20 -15.24 -12.55
C LEU A 264 -28.38 -16.74 -12.29
N ASP A 265 -28.93 -17.47 -13.28
CA ASP A 265 -29.14 -18.93 -13.18
C ASP A 265 -27.87 -19.70 -13.56
N GLU A 266 -27.87 -21.03 -13.37
N GLU A 266 -27.90 -21.01 -13.39
CA GLU A 266 -26.66 -21.84 -13.67
CA GLU A 266 -26.72 -21.83 -13.64
C GLU A 266 -26.28 -21.74 -15.14
C GLU A 266 -26.30 -21.76 -15.11
N ALA A 267 -27.28 -21.74 -16.02
CA ALA A 267 -27.02 -21.71 -17.47
C ALA A 267 -26.31 -20.40 -17.81
N ALA A 268 -26.77 -19.31 -17.20
CA ALA A 268 -26.15 -17.98 -17.43
C ALA A 268 -24.70 -17.93 -16.87
N PHE A 269 -24.54 -18.46 -15.65
CA PHE A 269 -23.22 -18.56 -15.00
C PHE A 269 -22.30 -19.40 -15.90
N ALA A 270 -22.81 -20.55 -16.35
CA ALA A 270 -22.05 -21.43 -17.24
C ALA A 270 -21.63 -20.80 -18.55
N ARG A 271 -22.52 -20.04 -19.20
CA ARG A 271 -22.19 -19.44 -20.48
C ARG A 271 -21.05 -18.42 -20.27
N LEU A 272 -21.15 -17.66 -19.19
CA LEU A 272 -20.13 -16.61 -18.85
C LEU A 272 -18.77 -17.29 -18.65
N VAL A 273 -18.74 -18.39 -17.88
CA VAL A 273 -17.44 -19.07 -17.62
C VAL A 273 -16.93 -19.72 -18.89
N ARG A 274 -17.86 -20.28 -19.66
CA ARG A 274 -17.48 -20.89 -20.93
C ARG A 274 -16.94 -19.89 -21.94
N ASN A 275 -17.65 -18.75 -22.08
CA ASN A 275 -17.18 -17.65 -22.92
C ASN A 275 -15.76 -17.23 -22.56
N HIS A 276 -15.54 -16.94 -21.28
CA HIS A 276 -14.23 -16.47 -20.76
C HIS A 276 -13.16 -17.54 -21.03
N GLY A 277 -13.49 -18.78 -20.74
CA GLY A 277 -12.52 -19.89 -20.97
C GLY A 277 -12.14 -20.12 -22.39
N ARG A 278 -13.13 -20.07 -23.29
CA ARG A 278 -12.85 -20.24 -24.72
C ARG A 278 -11.99 -19.11 -25.24
N TRP A 279 -12.28 -17.84 -24.83
CA TRP A 279 -11.49 -16.70 -25.24
C TRP A 279 -10.03 -16.87 -24.80
N PHE A 280 -9.76 -17.25 -23.55
CA PHE A 280 -8.36 -17.51 -23.13
C PHE A 280 -7.70 -18.71 -23.82
N GLU A 281 -8.50 -19.72 -24.13
CA GLU A 281 -7.98 -20.88 -24.87
C GLU A 281 -7.49 -20.42 -26.25
N GLN A 282 -8.19 -19.43 -26.86
CA GLN A 282 -7.87 -18.96 -28.19
C GLN A 282 -6.72 -17.92 -28.25
N ASN A 283 -6.60 -17.11 -27.21
CA ASN A 283 -5.86 -15.82 -27.29
C ASN A 283 -4.77 -15.69 -26.27
N SER A 284 -4.05 -16.83 -26.05
CA SER A 284 -3.05 -16.87 -25.00
C SER A 284 -1.69 -17.31 -25.46
N GLY A 285 -1.54 -17.48 -26.78
CA GLY A 285 -0.25 -17.94 -27.33
C GLY A 285 0.80 -16.82 -27.23
N PRO A 286 2.11 -17.19 -27.20
CA PRO A 286 3.18 -16.18 -27.17
C PRO A 286 3.14 -15.15 -28.34
N ASP A 287 2.57 -15.50 -29.47
CA ASP A 287 2.52 -14.49 -30.55
C ASP A 287 1.16 -13.82 -30.67
N SER A 288 0.28 -14.04 -29.68
CA SER A 288 -1.06 -13.42 -29.76
C SER A 288 -1.01 -11.90 -29.60
N PRO A 289 -1.76 -11.12 -30.44
CA PRO A 289 -1.86 -9.64 -30.17
C PRO A 289 -2.39 -9.41 -28.78
N TRP A 290 -3.05 -10.44 -28.20
CA TRP A 290 -3.71 -10.26 -26.93
C TRP A 290 -2.75 -10.43 -25.77
N CYS A 291 -1.45 -10.59 -26.05
CA CYS A 291 -0.43 -10.56 -25.01
C CYS A 291 -0.50 -9.26 -24.16
N ASP A 292 -1.07 -8.18 -24.73
CA ASP A 292 -1.14 -6.93 -24.01
C ASP A 292 -2.43 -6.75 -23.15
N LEU A 293 -3.20 -7.84 -23.01
CA LEU A 293 -4.40 -7.83 -22.15
C LEU A 293 -4.17 -8.70 -20.89
N TYR A 294 -4.61 -8.20 -19.73
CA TYR A 294 -4.66 -9.02 -18.45
C TYR A 294 -6.01 -8.86 -17.82
N SER A 295 -6.55 -9.93 -17.20
CA SER A 295 -7.85 -9.77 -16.53
C SER A 295 -7.93 -10.73 -15.36
N VAL A 296 -8.83 -10.47 -14.38
CA VAL A 296 -9.08 -11.41 -13.27
C VAL A 296 -10.59 -11.49 -13.25
N LEU A 297 -11.12 -12.69 -13.46
CA LEU A 297 -12.53 -12.92 -13.31
C LEU A 297 -12.80 -13.55 -11.95
N ALA A 298 -13.66 -12.93 -11.16
CA ALA A 298 -13.93 -13.32 -9.79
C ALA A 298 -15.30 -13.98 -9.66
N LEU A 299 -15.27 -15.32 -9.42
CA LEU A 299 -16.51 -16.10 -9.31
C LEU A 299 -16.77 -16.11 -7.83
N THR A 300 -17.58 -15.16 -7.38
CA THR A 300 -17.74 -14.88 -5.96
C THR A 300 -18.94 -15.70 -5.42
N ARG A 301 -19.04 -15.83 -4.10
CA ARG A 301 -20.23 -16.43 -3.51
C ARG A 301 -21.48 -15.62 -3.83
N SER A 302 -22.59 -16.28 -4.18
CA SER A 302 -23.81 -15.51 -4.52
C SER A 302 -24.30 -14.60 -3.37
N GLN A 303 -24.01 -14.97 -2.12
CA GLN A 303 -24.25 -14.03 -1.00
C GLN A 303 -23.59 -12.64 -1.17
N SER A 304 -22.59 -12.50 -2.04
CA SER A 304 -21.92 -11.22 -2.18
C SER A 304 -22.74 -10.22 -3.00
N GLY A 305 -23.69 -10.69 -3.81
CA GLY A 305 -24.56 -9.85 -4.66
C GLY A 305 -24.08 -9.72 -6.09
N ALA A 306 -22.79 -9.99 -6.33
CA ALA A 306 -22.26 -9.74 -7.67
C ALA A 306 -20.99 -10.54 -7.99
N LEU A 307 -20.86 -10.96 -9.25
CA LEU A 307 -19.64 -11.51 -9.89
C LEU A 307 -18.95 -10.29 -10.51
N ALA A 308 -17.63 -10.32 -10.65
CA ALA A 308 -16.98 -9.13 -11.18
C ALA A 308 -15.74 -9.53 -11.93
N MET A 309 -15.25 -8.62 -12.76
CA MET A 309 -14.04 -8.84 -13.53
C MET A 309 -13.30 -7.52 -13.68
N THR A 310 -11.97 -7.56 -13.58
CA THR A 310 -11.10 -6.40 -13.77
C THR A 310 -10.20 -6.70 -14.95
N THR A 311 -10.12 -5.77 -15.88
CA THR A 311 -9.35 -5.99 -17.08
C THR A 311 -8.35 -4.82 -17.24
N GLN A 312 -7.14 -5.08 -17.66
CA GLN A 312 -6.11 -4.06 -17.97
C GLN A 312 -5.66 -4.31 -19.44
N LEU A 313 -5.64 -3.26 -20.27
CA LEU A 313 -5.18 -3.37 -21.66
C LEU A 313 -4.19 -2.22 -21.88
N ASP A 314 -3.04 -2.53 -22.48
CA ASP A 314 -2.15 -1.48 -23.08
C ASP A 314 -2.96 -0.44 -23.92
N ALA A 315 -2.92 0.83 -23.48
CA ALA A 315 -3.73 1.91 -24.14
C ALA A 315 -2.97 2.65 -25.25
N THR A 316 -1.74 2.21 -25.56
CA THR A 316 -0.81 2.85 -26.53
C THR A 316 -1.35 2.96 -27.95
N GLY A 317 -1.90 1.87 -28.45
CA GLY A 317 -2.37 1.75 -29.86
C GLY A 317 -3.67 2.50 -29.99
N PRO A 318 -3.89 3.16 -31.17
CA PRO A 318 -5.13 3.91 -31.37
C PRO A 318 -6.44 3.10 -31.29
N ASP A 319 -6.38 1.76 -31.42
CA ASP A 319 -7.63 0.98 -31.38
C ASP A 319 -7.89 0.29 -30.06
N ALA A 320 -7.23 0.74 -28.98
CA ALA A 320 -7.23 0.02 -27.67
C ALA A 320 -8.67 -0.07 -27.14
N GLU A 321 -9.43 1.01 -27.27
CA GLU A 321 -10.78 0.97 -26.66
C GLU A 321 -11.67 -0.05 -27.36
N LYS A 322 -11.63 -0.04 -28.68
CA LYS A 322 -12.40 -1.02 -29.49
C LYS A 322 -12.00 -2.49 -29.15
N ARG A 323 -10.71 -2.72 -28.96
CA ARG A 323 -10.24 -4.09 -28.61
C ARG A 323 -10.74 -4.50 -27.21
N LEU A 324 -10.67 -3.60 -26.25
CA LEU A 324 -11.18 -3.86 -24.93
C LEU A 324 -12.64 -4.20 -25.06
N GLU A 325 -13.41 -3.47 -25.86
CA GLU A 325 -14.84 -3.78 -25.97
C GLU A 325 -15.07 -5.12 -26.61
N THR A 326 -14.17 -5.56 -27.48
CA THR A 326 -14.25 -6.90 -28.12
C THR A 326 -14.12 -8.02 -27.10
N TYR A 327 -13.13 -7.92 -26.22
CA TYR A 327 -12.98 -8.88 -25.12
C TYR A 327 -14.23 -8.86 -24.22
N LEU A 328 -14.67 -7.67 -23.81
CA LEU A 328 -15.80 -7.61 -22.85
C LEU A 328 -17.07 -8.20 -23.44
N ALA A 329 -17.31 -7.96 -24.73
CA ALA A 329 -18.49 -8.48 -25.44
C ALA A 329 -18.37 -10.00 -25.59
N ALA A 330 -17.17 -10.51 -25.86
CA ALA A 330 -16.94 -11.97 -25.85
C ALA A 330 -17.35 -12.61 -24.52
N VAL A 331 -16.99 -11.98 -23.37
CA VAL A 331 -17.24 -12.61 -22.02
C VAL A 331 -18.72 -12.64 -21.71
N SER A 332 -19.42 -11.59 -22.11
CA SER A 332 -20.84 -11.49 -21.77
C SER A 332 -21.79 -12.04 -22.82
N GLU A 333 -21.27 -12.45 -23.95
CA GLU A 333 -22.11 -12.85 -25.07
C GLU A 333 -23.11 -13.95 -24.73
N GLY A 334 -24.40 -13.67 -24.92
CA GLY A 334 -25.44 -14.68 -24.66
C GLY A 334 -25.68 -15.01 -23.17
N VAL A 335 -25.02 -14.29 -22.26
CA VAL A 335 -25.19 -14.53 -20.84
C VAL A 335 -26.61 -14.18 -20.37
N GLY A 336 -27.19 -13.12 -20.94
CA GLY A 336 -28.56 -12.73 -20.66
C GLY A 336 -28.66 -11.81 -19.48
N VAL A 337 -27.51 -11.39 -18.98
CA VAL A 337 -27.47 -10.49 -17.85
C VAL A 337 -26.54 -9.38 -18.31
N GLN A 338 -27.05 -8.16 -18.35
CA GLN A 338 -26.18 -7.04 -18.75
C GLN A 338 -25.27 -6.55 -17.63
N PRO A 339 -23.95 -6.56 -17.86
CA PRO A 339 -23.19 -6.08 -16.75
C PRO A 339 -23.09 -4.56 -16.66
N HIS A 340 -22.78 -4.06 -15.47
CA HIS A 340 -22.35 -2.67 -15.32
C HIS A 340 -20.87 -2.66 -15.68
N SER A 341 -20.45 -1.69 -16.48
CA SER A 341 -19.08 -1.60 -16.96
C SER A 341 -18.53 -0.17 -16.87
N ASP A 342 -17.31 0.00 -16.31
CA ASP A 342 -16.70 1.34 -16.09
C ASP A 342 -15.25 1.21 -16.53
N THR A 343 -14.86 2.02 -17.51
CA THR A 343 -13.48 2.03 -18.10
C THR A 343 -12.82 3.38 -17.88
N ARG A 344 -11.59 3.36 -17.39
CA ARG A 344 -10.81 4.58 -17.25
C ARG A 344 -9.45 4.36 -17.83
N ARG A 345 -8.86 5.44 -18.34
CA ARG A 345 -7.48 5.42 -18.82
C ARG A 345 -6.61 6.02 -17.74
N LEU A 346 -5.50 5.34 -17.38
CA LEU A 346 -4.61 5.80 -16.36
C LEU A 346 -3.16 5.68 -16.80
N PRO A 347 -2.30 6.60 -16.37
CA PRO A 347 -0.88 6.47 -16.63
C PRO A 347 -0.39 5.22 -15.87
N TRP A 348 0.61 4.53 -16.40
CA TRP A 348 0.96 3.19 -15.91
C TRP A 348 1.29 3.10 -14.42
N LEU A 349 2.16 3.96 -13.88
CA LEU A 349 2.58 3.72 -12.48
C LEU A 349 1.41 3.89 -11.53
N HIS A 350 0.59 4.91 -11.83
CA HIS A 350 -0.64 5.12 -11.08
C HIS A 350 -1.51 3.86 -11.09
N SER A 351 -1.59 3.22 -12.25
CA SER A 351 -2.52 2.07 -12.39
C SER A 351 -2.12 0.92 -11.42
N THR A 352 -0.82 0.79 -11.15
CA THR A 352 -0.28 -0.33 -10.31
C THR A 352 -0.73 -0.19 -8.87
N ARG A 353 -1.18 1.00 -8.47
CA ARG A 353 -1.58 1.18 -7.07
C ARG A 353 -3.11 1.23 -6.98
N TRP A 354 -3.82 1.13 -8.13
CA TRP A 354 -5.29 1.04 -8.10
C TRP A 354 -5.72 -0.34 -7.46
N PRO A 355 -6.51 -0.34 -6.35
CA PRO A 355 -6.81 -1.65 -5.70
C PRO A 355 -7.53 -2.63 -6.61
N GLY A 356 -8.09 -2.14 -7.72
CA GLY A 356 -8.75 -3.07 -8.64
C GLY A 356 -7.79 -4.07 -9.22
N ILE A 357 -6.51 -3.68 -9.33
CA ILE A 357 -5.42 -4.54 -9.84
C ILE A 357 -4.59 -4.97 -8.64
N ALA A 358 -4.32 -4.04 -7.72
CA ALA A 358 -3.34 -4.28 -6.60
C ALA A 358 -3.88 -5.12 -5.48
N GLY A 359 -5.20 -5.25 -5.46
CA GLY A 359 -5.91 -5.81 -4.33
C GLY A 359 -6.16 -4.74 -3.28
N ASP A 360 -6.90 -5.08 -2.24
CA ASP A 360 -7.34 -4.08 -1.23
C ASP A 360 -6.38 -3.82 -0.04
N GLY A 361 -5.25 -4.50 0.02
CA GLY A 361 -4.37 -4.15 1.09
C GLY A 361 -4.75 -4.70 2.46
N ASP A 362 -5.87 -5.45 2.58
CA ASP A 362 -6.33 -5.85 3.91
C ASP A 362 -5.77 -7.20 4.28
N MET A 363 -4.69 -7.26 5.06
N MET A 363 -4.71 -7.24 5.08
CA MET A 363 -4.12 -8.54 5.46
CA MET A 363 -4.13 -8.51 5.46
C MET A 363 -4.52 -8.95 6.88
C MET A 363 -4.50 -8.93 6.88
N THR A 364 -5.56 -8.33 7.42
CA THR A 364 -6.10 -8.73 8.72
C THR A 364 -7.08 -9.89 8.49
N GLY A 365 -7.64 -10.43 9.56
CA GLY A 365 -8.51 -11.61 9.36
C GLY A 365 -7.71 -12.83 8.97
N ARG A 366 -8.38 -13.83 8.42
CA ARG A 366 -7.76 -15.15 8.28
C ARG A 366 -8.18 -15.57 6.89
N ALA A 367 -7.23 -16.08 6.13
CA ALA A 367 -7.45 -16.62 4.80
C ALA A 367 -6.79 -18.00 4.57
N LYS A 368 -7.48 -18.79 3.74
CA LYS A 368 -6.92 -20.04 3.16
C LYS A 368 -7.00 -19.93 1.64
N ILE A 369 -5.82 -20.06 1.01
CA ILE A 369 -5.62 -20.07 -0.45
C ILE A 369 -5.29 -21.44 -1.00
N LYS A 370 -5.91 -21.81 -2.11
CA LYS A 370 -5.51 -23.01 -2.90
C LYS A 370 -5.42 -22.52 -4.33
N ALA A 371 -4.69 -23.21 -5.20
CA ALA A 371 -4.58 -22.73 -6.59
C ALA A 371 -4.20 -23.84 -7.52
N ALA A 372 -4.31 -23.53 -8.82
CA ALA A 372 -4.01 -24.48 -9.92
C ALA A 372 -3.70 -23.76 -11.19
N TYR A 373 -2.85 -24.39 -12.01
CA TYR A 373 -2.70 -23.99 -13.41
C TYR A 373 -3.80 -24.56 -14.27
N ALA A 374 -4.27 -23.76 -15.21
CA ALA A 374 -5.23 -24.27 -16.21
C ALA A 374 -4.66 -24.21 -17.62
N ARG A 375 -4.61 -25.38 -18.24
CA ARG A 375 -4.24 -25.49 -19.70
C ARG A 375 -5.40 -25.30 -20.63
N ARG A 376 -6.57 -25.61 -20.10
CA ARG A 376 -7.85 -25.54 -20.80
C ARG A 376 -8.79 -25.02 -19.73
N SER A 377 -9.93 -24.52 -20.20
CA SER A 377 -10.93 -23.96 -19.32
CA SER A 377 -10.93 -23.96 -19.31
C SER A 377 -11.77 -25.06 -18.62
N PHE A 378 -12.53 -24.68 -17.58
CA PHE A 378 -13.36 -25.68 -16.89
C PHE A 378 -14.34 -26.36 -17.82
N ASP A 379 -14.53 -27.66 -17.61
CA ASP A 379 -15.58 -28.38 -18.33
C ASP A 379 -16.95 -28.15 -17.67
N ASP A 380 -18.02 -28.55 -18.34
CA ASP A 380 -19.37 -28.28 -17.87
C ASP A 380 -19.61 -28.89 -16.46
N ARG A 381 -19.11 -30.08 -16.22
CA ARG A 381 -19.29 -30.67 -14.87
C ARG A 381 -18.61 -29.81 -13.77
N GLN A 382 -17.37 -29.32 -14.02
CA GLN A 382 -16.70 -28.45 -13.05
C GLN A 382 -17.41 -27.13 -12.84
N ILE A 383 -17.96 -26.56 -13.91
CA ILE A 383 -18.75 -25.36 -13.78
C ILE A 383 -19.99 -25.60 -12.87
N GLY A 384 -20.62 -26.77 -13.02
CA GLY A 384 -21.75 -27.16 -12.16
C GLY A 384 -21.31 -27.24 -10.70
N THR A 385 -20.13 -27.81 -10.44
CA THR A 385 -19.61 -27.87 -9.10
C THR A 385 -19.36 -26.44 -8.58
N LEU A 386 -18.73 -25.59 -9.39
CA LEU A 386 -18.55 -24.18 -8.96
C LEU A 386 -19.89 -23.51 -8.64
N TYR A 387 -20.89 -23.63 -9.52
CA TYR A 387 -22.18 -22.95 -9.23
C TYR A 387 -22.83 -23.42 -7.91
N THR A 388 -22.86 -24.74 -7.71
CA THR A 388 -23.42 -25.30 -6.48
C THR A 388 -22.68 -24.78 -5.25
N ARG A 389 -21.36 -24.86 -5.28
CA ARG A 389 -20.55 -24.51 -4.12
C ARG A 389 -20.62 -23.02 -3.82
N LEU A 390 -20.80 -22.16 -4.85
CA LEU A 390 -20.85 -20.68 -4.67
C LEU A 390 -22.22 -20.17 -4.23
N THR A 391 -23.27 -20.94 -4.54
CA THR A 391 -24.67 -20.63 -4.20
C THR A 391 -25.19 -21.41 -2.97
N SER A 392 -24.46 -22.43 -2.52
CA SER A 392 -24.97 -23.25 -1.43
C SER A 392 -25.11 -22.46 -0.16
N THR A 393 -26.20 -22.73 0.56
CA THR A 393 -26.40 -22.13 1.84
C THR A 393 -25.76 -23.00 2.91
N ASP A 394 -25.34 -24.23 2.55
CA ASP A 394 -24.69 -25.15 3.53
C ASP A 394 -23.77 -24.36 4.47
N TYR A 395 -22.68 -23.85 3.90
N TYR A 395 -22.62 -23.87 4.01
CA TYR A 395 -21.84 -22.92 4.60
CA TYR A 395 -21.94 -22.93 4.94
C TYR A 395 -22.37 -21.51 4.38
C TYR A 395 -21.48 -21.57 4.48
N ASP A 396 -21.96 -20.57 5.22
CA ASP A 396 -22.03 -19.19 4.81
C ASP A 396 -20.71 -18.43 4.69
N ASN A 397 -19.67 -19.13 4.20
CA ASN A 397 -18.45 -18.45 3.71
C ASN A 397 -18.76 -17.31 2.72
N PRO A 398 -19.17 -16.08 3.18
CA PRO A 398 -19.58 -14.98 2.23
C PRO A 398 -18.41 -14.31 1.40
N ALA A 399 -17.19 -14.38 1.99
CA ALA A 399 -15.98 -13.91 1.31
C ALA A 399 -15.30 -14.93 0.37
N GLY A 400 -15.91 -16.11 0.17
CA GLY A 400 -15.32 -17.13 -0.73
C GLY A 400 -15.30 -16.70 -2.18
N VAL A 401 -14.21 -16.97 -2.90
CA VAL A 401 -14.15 -16.65 -4.33
CA VAL A 401 -14.16 -16.64 -4.33
C VAL A 401 -13.24 -17.61 -5.09
N VAL A 402 -13.57 -17.81 -6.36
CA VAL A 402 -12.69 -18.49 -7.31
C VAL A 402 -12.28 -17.44 -8.37
N ALA A 403 -11.00 -17.09 -8.40
CA ALA A 403 -10.48 -16.03 -9.29
C ALA A 403 -9.71 -16.68 -10.45
N LEU A 404 -10.06 -16.30 -11.68
CA LEU A 404 -9.37 -16.79 -12.86
C LEU A 404 -8.51 -15.70 -13.38
N ILE A 405 -7.19 -15.89 -13.23
CA ILE A 405 -6.19 -14.88 -13.57
C ILE A 405 -5.52 -15.14 -14.93
N ALA A 406 -5.68 -14.18 -15.85
CA ALA A 406 -5.11 -14.23 -17.18
C ALA A 406 -3.60 -14.60 -17.07
N TYR A 407 -3.13 -15.56 -17.90
CA TYR A 407 -1.76 -16.04 -17.84
C TYR A 407 -1.31 -16.47 -19.25
N GLY A 408 -0.10 -17.02 -19.36
CA GLY A 408 0.41 -17.41 -20.63
C GLY A 408 1.09 -16.25 -21.37
N GLY A 409 0.71 -16.10 -22.64
CA GLY A 409 1.30 -15.08 -23.58
C GLY A 409 2.83 -15.34 -23.60
N LYS A 410 3.63 -14.30 -23.38
CA LYS A 410 5.07 -14.39 -23.46
CA LYS A 410 5.07 -14.39 -23.46
C LYS A 410 5.71 -15.28 -22.39
N VAL A 411 4.98 -15.57 -21.30
CA VAL A 411 5.46 -16.60 -20.36
C VAL A 411 5.73 -17.88 -21.16
N ASN A 412 4.86 -18.20 -22.12
CA ASN A 412 4.90 -19.52 -22.80
C ASN A 412 5.87 -19.54 -23.99
N ALA A 413 6.62 -18.45 -24.20
CA ALA A 413 7.68 -18.47 -25.22
C ALA A 413 8.90 -19.18 -24.67
N VAL A 414 8.97 -19.38 -23.33
CA VAL A 414 10.17 -19.92 -22.70
C VAL A 414 10.01 -21.45 -22.67
N PRO A 415 11.00 -22.19 -23.15
CA PRO A 415 11.00 -23.71 -23.03
C PRO A 415 10.76 -24.11 -21.56
N ALA A 416 9.97 -25.19 -21.33
CA ALA A 416 9.60 -25.63 -19.99
C ALA A 416 10.80 -25.96 -19.05
N ASP A 417 11.98 -26.25 -19.61
CA ASP A 417 13.17 -26.71 -18.86
CA ASP A 417 13.11 -26.69 -18.75
C ASP A 417 14.16 -25.57 -18.58
N ARG A 418 13.94 -24.40 -19.20
CA ARG A 418 14.95 -23.32 -19.15
C ARG A 418 15.09 -22.64 -17.79
N THR A 419 14.00 -22.64 -17.03
CA THR A 419 14.03 -22.12 -15.68
C THR A 419 13.38 -23.15 -14.80
N ALA A 420 13.24 -22.87 -13.51
CA ALA A 420 12.55 -23.78 -12.58
C ALA A 420 11.02 -23.53 -12.53
N VAL A 421 10.52 -22.68 -13.45
CA VAL A 421 9.06 -22.55 -13.68
C VAL A 421 8.70 -23.49 -14.84
N ALA A 422 8.17 -24.68 -14.46
CA ALA A 422 8.00 -25.71 -15.42
C ALA A 422 6.68 -25.62 -16.18
N GLN A 423 5.78 -24.68 -15.78
CA GLN A 423 4.51 -24.56 -16.47
C GLN A 423 4.58 -23.45 -17.50
N ARG A 424 4.82 -23.83 -18.73
CA ARG A 424 5.04 -22.85 -19.79
C ARG A 424 4.07 -23.04 -20.94
N ASP A 425 2.87 -23.59 -20.64
CA ASP A 425 1.87 -23.62 -21.71
C ASP A 425 0.45 -23.44 -21.19
N SER A 426 0.30 -22.84 -20.01
CA SER A 426 -1.00 -22.61 -19.42
C SER A 426 -1.59 -21.26 -19.86
N ILE A 427 -2.89 -21.10 -19.62
CA ILE A 427 -3.70 -19.95 -20.10
C ILE A 427 -4.20 -19.11 -18.94
N LEU A 428 -4.29 -19.73 -17.76
CA LEU A 428 -4.88 -19.06 -16.59
C LEU A 428 -4.22 -19.63 -15.33
N LYS A 429 -4.11 -18.79 -14.29
CA LYS A 429 -3.95 -19.35 -12.92
C LYS A 429 -5.29 -19.26 -12.27
N ILE A 430 -5.69 -20.32 -11.55
CA ILE A 430 -7.00 -20.31 -10.85
C ILE A 430 -6.77 -20.32 -9.35
N VAL A 431 -7.29 -19.30 -8.64
CA VAL A 431 -7.01 -19.19 -7.19
C VAL A 431 -8.34 -19.39 -6.50
N TYR A 432 -8.35 -20.26 -5.47
CA TYR A 432 -9.52 -20.49 -4.67
C TYR A 432 -9.20 -19.83 -3.31
N VAL A 433 -10.14 -19.04 -2.82
CA VAL A 433 -9.93 -18.27 -1.57
C VAL A 433 -11.12 -18.33 -0.67
N THR A 434 -10.88 -18.54 0.62
CA THR A 434 -11.87 -18.20 1.63
C THR A 434 -11.26 -17.37 2.74
N THR A 435 -12.02 -16.40 3.24
CA THR A 435 -11.53 -15.52 4.34
C THR A 435 -12.56 -15.42 5.46
N TRP A 436 -12.09 -15.30 6.69
CA TRP A 436 -13.00 -15.18 7.82
C TRP A 436 -12.33 -14.42 8.94
N GLU A 437 -13.10 -14.16 9.97
CA GLU A 437 -12.65 -13.32 11.07
C GLU A 437 -12.46 -14.08 12.38
N ASP A 438 -13.40 -14.96 12.71
CA ASP A 438 -13.39 -15.67 14.00
C ASP A 438 -12.22 -16.69 14.12
N PRO A 439 -11.27 -16.45 15.05
CA PRO A 439 -10.08 -17.31 15.19
C PRO A 439 -10.44 -18.75 15.66
N ALA A 440 -11.71 -18.98 16.08
CA ALA A 440 -12.16 -20.25 16.56
C ALA A 440 -12.83 -21.06 15.42
N GLN A 441 -13.07 -20.42 14.27
CA GLN A 441 -13.79 -21.08 13.20
C GLN A 441 -12.92 -21.53 12.00
N ASP A 442 -11.62 -21.81 12.23
CA ASP A 442 -10.82 -22.23 11.11
C ASP A 442 -11.35 -23.52 10.43
N PRO A 443 -11.69 -24.55 11.23
CA PRO A 443 -12.07 -25.80 10.58
C PRO A 443 -13.21 -25.66 9.54
N VAL A 444 -14.29 -24.92 9.81
CA VAL A 444 -15.41 -24.88 8.84
CA VAL A 444 -15.39 -24.90 8.83
C VAL A 444 -14.98 -24.19 7.55
N HIS A 445 -14.09 -23.19 7.65
CA HIS A 445 -13.64 -22.46 6.45
C HIS A 445 -12.61 -23.25 5.62
N VAL A 446 -11.66 -23.87 6.33
CA VAL A 446 -10.72 -24.77 5.68
C VAL A 446 -11.49 -25.92 4.98
N ARG A 447 -12.54 -26.45 5.63
CA ARG A 447 -13.26 -27.57 5.06
C ARG A 447 -13.97 -27.13 3.78
N TRP A 448 -14.61 -25.98 3.81
CA TRP A 448 -15.33 -25.52 2.63
C TRP A 448 -14.43 -25.44 1.39
N ILE A 449 -13.28 -24.78 1.54
CA ILE A 449 -12.41 -24.62 0.42
C ILE A 449 -11.76 -25.96 0.01
N ARG A 450 -11.48 -26.81 0.98
CA ARG A 450 -10.95 -28.15 0.65
C ARG A 450 -11.94 -28.99 -0.19
N GLU A 451 -13.22 -28.94 0.19
N GLU A 451 -13.21 -28.98 0.19
CA GLU A 451 -14.26 -29.67 -0.50
CA GLU A 451 -14.20 -29.75 -0.55
C GLU A 451 -14.45 -29.12 -1.90
C GLU A 451 -14.44 -29.13 -1.91
N LEU A 452 -14.43 -27.79 -2.01
CA LEU A 452 -14.64 -27.16 -3.31
C LEU A 452 -13.49 -27.58 -4.24
N TYR A 453 -12.26 -27.48 -3.78
CA TYR A 453 -11.08 -27.74 -4.65
C TYR A 453 -11.02 -29.21 -4.97
N ARG A 454 -11.18 -30.06 -3.96
CA ARG A 454 -11.20 -31.51 -4.20
C ARG A 454 -12.28 -31.84 -5.24
N ASP A 455 -13.47 -31.26 -5.07
CA ASP A 455 -14.54 -31.59 -6.01
C ASP A 455 -14.31 -31.10 -7.44
N VAL A 456 -13.67 -29.95 -7.62
CA VAL A 456 -13.35 -29.46 -8.94
C VAL A 456 -12.30 -30.43 -9.55
N TYR A 457 -11.34 -30.90 -8.74
CA TYR A 457 -10.27 -31.72 -9.29
C TYR A 457 -10.51 -33.22 -8.99
N ALA A 458 -11.77 -33.59 -8.74
CA ALA A 458 -12.07 -34.98 -8.28
C ALA A 458 -11.59 -36.04 -9.20
N ASP A 459 -11.70 -35.82 -10.50
CA ASP A 459 -11.42 -36.84 -11.47
C ASP A 459 -9.91 -37.07 -11.66
N THR A 460 -9.10 -36.27 -10.99
CA THR A 460 -7.63 -36.50 -10.96
C THR A 460 -7.12 -36.51 -9.52
N GLY A 461 -7.85 -37.24 -8.70
CA GLY A 461 -7.50 -37.42 -7.31
C GLY A 461 -7.52 -36.19 -6.39
N GLY A 462 -8.37 -35.19 -6.72
CA GLY A 462 -8.55 -34.08 -5.83
C GLY A 462 -7.56 -32.94 -6.03
N VAL A 463 -6.61 -33.16 -6.96
CA VAL A 463 -5.53 -32.18 -7.17
C VAL A 463 -5.35 -31.91 -8.67
N PRO A 464 -4.79 -30.69 -9.02
CA PRO A 464 -4.62 -30.42 -10.44
C PRO A 464 -3.43 -31.18 -11.08
N VAL A 465 -3.60 -32.43 -11.42
CA VAL A 465 -2.46 -33.20 -11.98
C VAL A 465 -1.95 -32.61 -13.32
N PRO A 466 -0.59 -32.46 -13.45
CA PRO A 466 -0.03 -31.83 -14.64
C PRO A 466 -0.37 -32.54 -15.93
N GLY A 467 -0.28 -31.83 -17.02
CA GLY A 467 -0.28 -32.50 -18.31
C GLY A 467 -1.66 -32.83 -18.83
N GLY A 468 -2.71 -32.26 -18.25
CA GLY A 468 -4.09 -32.48 -18.77
C GLY A 468 -4.84 -31.19 -18.89
N ALA A 469 -6.09 -31.13 -18.44
CA ALA A 469 -6.74 -29.81 -18.32
C ALA A 469 -6.02 -28.84 -17.36
N ALA A 470 -5.31 -29.38 -16.34
CA ALA A 470 -4.54 -28.53 -15.43
C ALA A 470 -3.04 -28.75 -15.68
N ASP A 471 -2.22 -27.87 -15.13
CA ASP A 471 -0.78 -28.10 -15.16
C ASP A 471 -0.13 -28.04 -13.79
N GLY A 472 -0.84 -28.57 -12.79
CA GLY A 472 -0.28 -28.63 -11.43
C GLY A 472 -0.47 -27.31 -10.71
N ALA A 473 0.51 -26.99 -9.88
CA ALA A 473 0.37 -25.89 -8.89
C ALA A 473 1.55 -24.94 -8.90
N TYR A 474 1.32 -23.75 -8.35
CA TYR A 474 2.30 -22.67 -8.32
C TYR A 474 2.83 -22.45 -6.92
N VAL A 475 4.15 -22.51 -6.78
CA VAL A 475 4.74 -22.59 -5.47
C VAL A 475 4.62 -21.31 -4.63
N ASN A 476 4.36 -20.15 -5.27
CA ASN A 476 4.11 -18.96 -4.43
C ASN A 476 2.67 -18.94 -3.93
N TYR A 477 1.79 -19.89 -4.34
CA TYR A 477 0.52 -20.07 -3.68
C TYR A 477 0.56 -21.51 -3.00
N PRO A 478 1.42 -21.67 -2.00
CA PRO A 478 1.63 -23.03 -1.45
C PRO A 478 0.39 -23.52 -0.70
N ASP A 479 0.18 -24.85 -0.65
CA ASP A 479 -0.99 -25.40 -0.01
C ASP A 479 -0.54 -26.81 0.48
N VAL A 480 -0.33 -26.91 1.80
CA VAL A 480 0.20 -28.18 2.41
C VAL A 480 -0.72 -29.36 2.10
N ASP A 481 -1.99 -29.08 1.81
CA ASP A 481 -2.91 -30.17 1.49
C ASP A 481 -2.50 -31.04 0.25
N LEU A 482 -1.65 -30.49 -0.64
CA LEU A 482 -1.24 -31.20 -1.87
C LEU A 482 -0.25 -32.34 -1.47
N ALA A 483 0.26 -32.25 -0.23
CA ALA A 483 1.10 -33.35 0.28
C ALA A 483 0.38 -34.23 1.29
N ASP A 484 -0.91 -34.03 1.43
CA ASP A 484 -1.72 -34.70 2.46
C ASP A 484 -2.53 -35.85 1.79
N GLU A 485 -2.27 -37.08 2.25
CA GLU A 485 -2.82 -38.31 1.68
C GLU A 485 -4.36 -38.27 1.76
N GLU A 486 -4.89 -37.50 2.70
CA GLU A 486 -6.34 -37.42 2.79
C GLU A 486 -6.95 -36.54 1.68
N TRP A 487 -6.16 -35.61 1.14
CA TRP A 487 -6.66 -34.65 0.16
C TRP A 487 -6.11 -34.89 -1.27
N ASN A 488 -5.00 -35.66 -1.37
CA ASN A 488 -4.38 -35.89 -2.65
C ASN A 488 -4.38 -37.40 -2.83
N THR A 489 -5.18 -37.89 -3.74
CA THR A 489 -5.41 -39.39 -3.96
C THR A 489 -5.09 -39.67 -5.43
N SER A 490 -4.20 -38.82 -5.99
CA SER A 490 -3.83 -38.96 -7.40
C SER A 490 -2.62 -39.82 -7.60
N GLY A 491 -1.89 -40.13 -6.52
CA GLY A 491 -0.66 -40.94 -6.67
C GLY A 491 0.52 -40.08 -7.18
N VAL A 492 0.27 -38.78 -7.37
CA VAL A 492 1.33 -37.89 -7.87
C VAL A 492 1.78 -37.02 -6.68
N PRO A 493 3.08 -36.98 -6.38
CA PRO A 493 3.47 -36.35 -5.15
C PRO A 493 3.40 -34.79 -5.28
N TRP A 494 3.33 -34.12 -4.15
CA TRP A 494 3.28 -32.64 -4.10
C TRP A 494 4.37 -32.03 -4.98
N SER A 495 5.57 -32.59 -4.90
CA SER A 495 6.74 -32.06 -5.62
C SER A 495 6.55 -32.09 -7.16
N GLU A 496 5.89 -33.11 -7.71
CA GLU A 496 5.61 -33.11 -9.13
C GLU A 496 4.45 -32.16 -9.55
N LEU A 497 3.44 -31.99 -8.68
CA LEU A 497 2.39 -31.00 -8.91
C LEU A 497 3.03 -29.60 -9.04
N TYR A 498 3.99 -29.23 -8.15
CA TYR A 498 4.60 -27.84 -8.19
C TYR A 498 5.64 -27.70 -9.27
N TYR A 499 6.43 -28.75 -9.42
CA TYR A 499 7.67 -28.61 -10.19
C TYR A 499 7.78 -29.50 -11.43
N LYS A 500 6.85 -30.42 -11.62
CA LYS A 500 6.89 -31.32 -12.79
C LYS A 500 8.28 -31.96 -12.93
N ASP A 501 8.88 -31.93 -14.10
CA ASP A 501 10.15 -32.65 -14.31
C ASP A 501 11.36 -31.84 -13.86
N ALA A 502 11.12 -30.61 -13.38
CA ALA A 502 12.21 -29.79 -12.74
C ALA A 502 12.64 -30.40 -11.42
N TYR A 503 11.79 -31.27 -10.83
CA TYR A 503 12.09 -31.66 -9.45
C TYR A 503 13.47 -32.38 -9.22
N PRO A 504 13.85 -33.33 -10.13
CA PRO A 504 15.12 -34.03 -9.89
C PRO A 504 16.30 -33.08 -9.95
N ARG A 505 16.26 -32.11 -10.86
CA ARG A 505 17.31 -31.09 -10.95
C ARG A 505 17.34 -30.21 -9.66
N LEU A 506 16.15 -29.87 -9.14
CA LEU A 506 16.08 -29.15 -7.85
C LEU A 506 16.70 -29.94 -6.66
N GLN A 507 16.46 -31.24 -6.65
CA GLN A 507 16.99 -32.13 -5.60
C GLN A 507 18.48 -32.23 -5.72
N ALA A 508 19.00 -32.22 -6.96
CA ALA A 508 20.50 -32.20 -7.13
C ALA A 508 21.10 -30.89 -6.65
N VAL A 509 20.41 -29.77 -6.88
CA VAL A 509 20.91 -28.53 -6.31
C VAL A 509 20.84 -28.55 -4.79
N LYS A 510 19.74 -29.10 -4.24
CA LYS A 510 19.58 -29.15 -2.79
C LYS A 510 20.74 -29.98 -2.12
N ALA A 511 21.03 -31.15 -2.72
CA ALA A 511 22.08 -32.09 -2.21
C ALA A 511 23.44 -31.35 -2.25
N ARG A 512 23.65 -30.47 -3.25
CA ARG A 512 24.99 -29.80 -3.43
C ARG A 512 25.14 -28.63 -2.48
N TRP A 513 24.05 -27.89 -2.36
CA TRP A 513 24.07 -26.56 -1.74
C TRP A 513 23.50 -26.45 -0.36
N ASP A 514 22.55 -27.36 0.01
CA ASP A 514 22.10 -27.41 1.37
C ASP A 514 22.16 -28.83 1.86
N PRO A 515 23.35 -29.37 1.95
CA PRO A 515 23.45 -30.82 2.30
C PRO A 515 22.92 -31.19 3.68
N ARG A 516 22.98 -30.24 4.63
CA ARG A 516 22.43 -30.45 5.95
C ARG A 516 20.91 -30.30 6.01
N ASN A 517 20.28 -29.83 4.92
CA ASN A 517 18.82 -29.56 4.92
C ASN A 517 18.51 -28.56 6.07
N VAL A 518 19.32 -27.50 6.17
CA VAL A 518 19.05 -26.40 7.07
C VAL A 518 17.77 -25.66 6.64
N PHE A 519 17.58 -25.49 5.33
CA PHE A 519 16.42 -24.68 4.88
C PHE A 519 15.28 -25.66 4.53
N ARG A 520 14.21 -25.68 5.32
CA ARG A 520 13.14 -26.64 5.06
C ARG A 520 11.81 -26.17 5.61
N HIS A 521 10.73 -26.83 5.27
CA HIS A 521 9.35 -26.43 5.67
C HIS A 521 8.46 -27.44 5.05
N ALA A 522 7.16 -27.48 5.37
CA ALA A 522 6.32 -28.37 4.57
C ALA A 522 6.48 -27.93 3.11
N LEU A 523 6.45 -28.85 2.18
CA LEU A 523 6.63 -28.53 0.71
C LEU A 523 8.02 -27.95 0.37
N SER A 524 9.04 -28.25 1.15
CA SER A 524 10.43 -27.84 0.77
C SER A 524 11.07 -28.89 -0.10
N VAL A 525 11.93 -28.48 -1.02
CA VAL A 525 12.70 -29.42 -1.86
C VAL A 525 13.55 -30.24 -0.93
N ARG A 526 13.49 -31.54 -1.17
CA ARG A 526 14.06 -32.54 -0.24
C ARG A 526 14.75 -33.64 -1.06
N VAL A 527 16.01 -33.96 -0.77
CA VAL A 527 16.71 -35.01 -1.54
C VAL A 527 16.00 -36.38 -1.38
N PRO A 528 16.27 -37.34 -2.29
CA PRO A 528 15.65 -38.66 -2.16
C PRO A 528 16.04 -39.35 -0.83
N PRO A 529 15.13 -40.21 -0.27
CA PRO A 529 15.55 -40.95 0.94
C PRO A 529 16.73 -41.83 0.59
N ALA A 530 17.69 -41.95 1.49
CA ALA A 530 18.99 -42.64 1.17
C ALA A 530 18.97 -44.07 1.68
N HIS B 33 19.65 14.49 -19.05
CA HIS B 33 20.02 13.17 -18.47
C HIS B 33 18.72 12.56 -18.00
N ILE B 34 18.79 11.34 -17.45
CA ILE B 34 17.61 10.54 -17.10
C ILE B 34 16.79 11.24 -16.04
N ASP B 35 17.38 12.21 -15.35
CA ASP B 35 16.77 12.75 -14.15
C ASP B 35 15.87 13.93 -14.45
N SER B 36 15.78 14.29 -15.73
CA SER B 36 14.85 15.31 -16.17
C SER B 36 13.80 14.73 -17.06
N VAL B 37 12.54 14.89 -16.71
CA VAL B 37 11.50 14.26 -17.49
C VAL B 37 10.75 15.36 -18.22
N ALA B 38 10.62 15.20 -19.54
CA ALA B 38 10.01 16.23 -20.41
C ALA B 38 8.82 15.59 -21.08
N PRO B 39 7.90 16.41 -21.66
CA PRO B 39 6.80 15.83 -22.44
C PRO B 39 7.32 14.85 -23.48
N GLY B 40 6.62 13.72 -23.64
CA GLY B 40 7.09 12.67 -24.56
C GLY B 40 7.86 11.56 -23.85
N ASP B 41 8.42 11.84 -22.69
CA ASP B 41 9.05 10.79 -21.90
C ASP B 41 7.97 9.77 -21.48
N ILE B 42 8.29 8.47 -21.52
CA ILE B 42 7.34 7.49 -21.03
C ILE B 42 6.83 7.78 -19.57
N ARG B 43 7.66 8.45 -18.75
CA ARG B 43 7.31 8.75 -17.36
C ARG B 43 6.42 10.01 -17.18
N TYR B 44 6.25 10.75 -18.26
CA TYR B 44 5.73 12.10 -18.11
C TYR B 44 4.25 12.07 -17.63
N GLU B 45 3.44 11.17 -18.18
CA GLU B 45 2.02 11.12 -17.74
C GLU B 45 1.87 10.84 -16.25
N ASP B 46 2.70 9.92 -15.70
CA ASP B 46 2.67 9.76 -14.24
C ASP B 46 3.26 10.94 -13.46
N LEU B 47 4.43 11.40 -13.82
CA LEU B 47 5.11 12.37 -13.02
C LEU B 47 4.56 13.85 -13.17
N ARG B 48 3.76 14.11 -14.21
CA ARG B 48 3.06 15.41 -14.31
C ARG B 48 1.82 15.49 -13.37
N ARG B 49 1.46 14.41 -12.68
CA ARG B 49 0.30 14.37 -11.78
C ARG B 49 0.79 14.04 -10.40
N GLY B 50 0.03 14.43 -9.38
CA GLY B 50 0.19 13.86 -8.04
C GLY B 50 -0.75 12.64 -7.92
N GLU B 51 -1.25 12.40 -6.72
CA GLU B 51 -2.21 11.27 -6.47
C GLU B 51 -3.63 11.82 -6.65
N ASN B 52 -3.75 13.10 -6.96
CA ASN B 52 -5.06 13.75 -7.18
C ASN B 52 -5.34 13.92 -8.69
N LEU B 53 -6.19 13.01 -9.24
CA LEU B 53 -6.43 12.91 -10.71
C LEU B 53 -7.21 14.04 -11.27
N ARG B 54 -7.76 14.90 -10.40
CA ARG B 54 -8.38 16.16 -10.93
C ARG B 54 -7.42 17.15 -11.57
N PHE B 55 -6.09 17.06 -11.23
CA PHE B 55 -5.16 18.10 -11.62
C PHE B 55 -4.03 17.54 -12.47
N VAL B 56 -3.94 18.01 -13.70
CA VAL B 56 -2.95 17.56 -14.63
C VAL B 56 -1.96 18.71 -14.84
N GLY B 57 -0.71 18.53 -14.43
CA GLY B 57 0.25 19.63 -14.63
C GLY B 57 0.79 19.72 -16.05
N ASP B 58 1.28 20.91 -16.42
CA ASP B 58 1.99 21.06 -17.71
C ASP B 58 3.43 21.50 -17.58
N PRO B 59 4.20 20.90 -16.65
CA PRO B 59 5.58 21.34 -16.51
C PRO B 59 6.40 21.03 -17.79
N GLU B 60 7.32 21.96 -18.16
CA GLU B 60 8.32 21.75 -19.23
C GLU B 60 9.36 20.69 -18.79
N GLU B 61 9.69 20.68 -17.51
CA GLU B 61 10.66 19.74 -16.97
C GLU B 61 10.23 19.29 -15.58
N ILE B 62 10.34 17.97 -15.29
CA ILE B 62 10.20 17.47 -13.91
C ILE B 62 11.56 16.92 -13.59
N HIS B 63 12.20 17.49 -12.55
CA HIS B 63 13.55 17.05 -12.15
C HIS B 63 13.45 16.15 -10.96
N LEU B 64 13.93 14.90 -11.13
CA LEU B 64 13.97 13.96 -10.00
C LEU B 64 15.31 14.29 -9.31
N VAL B 65 15.30 15.33 -8.45
CA VAL B 65 16.51 15.85 -7.79
C VAL B 65 17.09 14.81 -6.81
N GLY B 66 18.41 14.81 -6.67
CA GLY B 66 19.06 13.78 -5.79
C GLY B 66 19.87 14.41 -4.68
N SER B 67 19.86 15.75 -4.56
CA SER B 67 20.72 16.43 -3.60
C SER B 67 20.32 17.88 -3.48
N ALA B 68 20.76 18.50 -2.38
CA ALA B 68 20.61 19.92 -2.18
C ALA B 68 21.20 20.73 -3.36
N ALA B 69 22.37 20.38 -3.85
CA ALA B 69 22.97 21.15 -4.96
C ALA B 69 22.17 21.04 -6.25
N GLU B 70 21.60 19.83 -6.52
CA GLU B 70 20.72 19.69 -7.70
C GLU B 70 19.48 20.62 -7.56
N ILE B 71 18.89 20.68 -6.36
CA ILE B 71 17.74 21.53 -6.07
C ILE B 71 18.16 23.02 -6.25
N GLU B 72 19.31 23.37 -5.72
CA GLU B 72 19.83 24.76 -5.91
C GLU B 72 19.91 25.16 -7.39
N GLN B 73 20.48 24.26 -8.23
CA GLN B 73 20.64 24.53 -9.64
C GLN B 73 19.26 24.67 -10.34
N VAL B 74 18.30 23.78 -9.99
CA VAL B 74 16.95 23.86 -10.59
C VAL B 74 16.40 25.25 -10.30
N LEU B 75 16.58 25.67 -9.05
CA LEU B 75 15.94 26.92 -8.55
C LEU B 75 16.58 28.15 -9.11
N SER B 76 17.92 28.20 -9.07
CA SER B 76 18.60 29.39 -9.56
C SER B 76 18.40 29.55 -11.08
N ARG B 77 18.39 28.44 -11.84
CA ARG B 77 18.09 28.54 -13.27
C ARG B 77 16.65 29.06 -13.50
N ALA B 78 15.70 28.48 -12.76
CA ALA B 78 14.28 28.89 -12.92
C ALA B 78 14.09 30.38 -12.56
N VAL B 79 14.78 30.84 -11.53
CA VAL B 79 14.61 32.25 -11.14
C VAL B 79 15.17 33.19 -12.21
N ARG B 80 16.34 32.87 -12.74
CA ARG B 80 16.90 33.65 -13.85
C ARG B 80 16.03 33.68 -15.10
N SER B 81 15.34 32.58 -15.39
CA SER B 81 14.51 32.55 -16.58
CA SER B 81 14.47 32.46 -16.56
C SER B 81 13.06 32.97 -16.28
N GLY B 82 12.76 33.24 -15.01
CA GLY B 82 11.35 33.65 -14.67
C GLY B 82 10.31 32.52 -14.77
N LYS B 83 10.75 31.28 -14.64
CA LYS B 83 9.85 30.14 -14.72
CA LYS B 83 9.82 30.15 -14.70
C LYS B 83 9.29 29.76 -13.32
N ARG B 84 7.98 29.64 -13.22
CA ARG B 84 7.34 29.24 -11.98
C ARG B 84 7.69 27.77 -11.58
N VAL B 85 8.08 27.57 -10.33
CA VAL B 85 8.44 26.20 -9.83
C VAL B 85 7.38 25.68 -8.87
N ALA B 86 7.46 24.37 -8.60
CA ALA B 86 6.75 23.75 -7.51
C ALA B 86 7.45 22.45 -7.13
N VAL B 87 7.29 22.04 -5.86
CA VAL B 87 7.86 20.79 -5.40
C VAL B 87 6.79 19.69 -5.26
N ARG B 88 7.12 18.46 -5.64
CA ARG B 88 6.22 17.33 -5.35
C ARG B 88 7.02 16.34 -4.47
N SER B 89 6.46 15.97 -3.31
CA SER B 89 7.09 14.92 -2.50
C SER B 89 6.12 13.74 -2.60
N GLY B 90 5.12 13.58 -1.72
CA GLY B 90 4.24 12.40 -1.91
C GLY B 90 3.05 12.52 -2.89
N GLY B 91 2.78 13.77 -3.34
CA GLY B 91 1.77 14.00 -4.34
C GLY B 91 0.37 14.04 -3.75
N HIS B 92 0.25 14.10 -2.40
CA HIS B 92 -1.12 13.97 -1.79
C HIS B 92 -1.91 15.31 -1.71
N CYS B 93 -1.33 16.37 -2.25
CA CYS B 93 -2.04 17.71 -2.14
C CYS B 93 -3.52 17.62 -2.62
N TYR B 94 -4.43 18.05 -1.76
CA TYR B 94 -5.88 18.04 -2.11
C TYR B 94 -6.25 19.18 -3.03
N GLU B 95 -5.35 20.16 -3.17
CA GLU B 95 -5.55 21.26 -4.18
C GLU B 95 -4.52 21.30 -5.31
N ASP B 96 -4.64 22.31 -6.24
CA ASP B 96 -3.84 22.31 -7.43
C ASP B 96 -2.49 23.02 -7.25
N PHE B 97 -1.93 23.03 -6.04
CA PHE B 97 -0.69 23.79 -5.70
C PHE B 97 0.52 23.42 -6.55
N VAL B 98 0.62 22.14 -6.91
CA VAL B 98 1.77 21.63 -7.61
C VAL B 98 1.50 21.48 -9.09
N ALA B 99 0.26 21.07 -9.47
CA ALA B 99 -0.09 20.71 -10.86
C ALA B 99 -0.69 21.95 -11.59
N ASN B 100 -0.79 23.09 -10.89
CA ASN B 100 -1.30 24.37 -11.54
C ASN B 100 -0.65 24.51 -12.93
N SER B 101 -1.47 24.72 -13.95
CA SER B 101 -0.98 24.76 -15.33
CA SER B 101 -0.96 24.75 -15.35
C SER B 101 0.16 25.79 -15.50
N ASP B 102 0.21 26.80 -14.62
CA ASP B 102 1.28 27.85 -14.67
C ASP B 102 2.63 27.35 -14.21
N VAL B 103 2.65 26.23 -13.49
CA VAL B 103 3.95 25.69 -13.04
C VAL B 103 4.74 25.14 -14.23
N ARG B 104 5.95 25.67 -14.48
CA ARG B 104 6.77 25.26 -15.61
C ARG B 104 7.81 24.23 -15.20
N VAL B 105 8.24 24.22 -13.92
CA VAL B 105 9.36 23.32 -13.49
C VAL B 105 8.97 22.69 -12.21
N VAL B 106 8.99 21.35 -12.15
CA VAL B 106 8.73 20.66 -10.91
C VAL B 106 10.02 20.03 -10.39
N MET B 107 10.23 20.13 -9.08
CA MET B 107 11.25 19.30 -8.38
C MET B 107 10.50 18.13 -7.67
N ASP B 108 10.75 16.88 -8.12
CA ASP B 108 10.10 15.71 -7.59
C ASP B 108 11.11 15.08 -6.66
N MET B 109 10.71 14.84 -5.42
CA MET B 109 11.66 14.40 -4.37
C MET B 109 11.78 12.87 -4.23
N SER B 110 11.37 12.14 -5.26
CA SER B 110 11.25 10.65 -5.14
C SER B 110 12.55 9.97 -4.79
N ARG B 111 13.65 10.50 -5.31
CA ARG B 111 14.92 9.89 -5.04
C ARG B 111 15.42 10.17 -3.61
N LEU B 112 14.89 11.20 -2.95
CA LEU B 112 15.30 11.54 -1.54
C LEU B 112 14.24 10.94 -0.59
N SER B 113 14.28 9.62 -0.43
CA SER B 113 13.21 8.96 0.30
C SER B 113 13.77 8.24 1.55
N ALA B 114 15.01 8.57 1.90
CA ALA B 114 15.64 7.87 3.06
C ALA B 114 15.08 8.24 4.45
N VAL B 115 15.11 7.27 5.35
CA VAL B 115 14.66 7.45 6.72
C VAL B 115 15.69 6.71 7.55
N GLY B 116 16.21 7.36 8.59
CA GLY B 116 17.22 6.69 9.51
C GLY B 116 17.57 7.52 10.71
N PHE B 117 18.49 6.99 11.54
CA PHE B 117 18.97 7.80 12.65
C PHE B 117 20.20 8.49 12.17
N ASP B 118 20.22 9.83 12.24
CA ASP B 118 21.41 10.60 12.01
C ASP B 118 22.29 10.69 13.28
N GLU B 119 23.36 9.86 13.35
CA GLU B 119 24.27 9.85 14.48
C GLU B 119 24.95 11.17 14.74
N GLU B 120 25.36 11.87 13.69
CA GLU B 120 26.04 13.18 13.87
C GLU B 120 25.13 14.22 14.49
N ARG B 121 23.81 14.12 14.22
CA ARG B 121 22.90 15.14 14.72
C ARG B 121 22.08 14.71 15.90
N GLY B 122 22.18 13.46 16.30
CA GLY B 122 21.43 12.93 17.45
C GLY B 122 19.92 12.97 17.21
N ALA B 123 19.50 12.84 15.95
CA ALA B 123 18.05 12.93 15.62
C ALA B 123 17.70 12.02 14.44
N PHE B 124 16.44 11.65 14.29
CA PHE B 124 16.00 10.86 13.13
C PHE B 124 15.84 11.73 11.90
N ALA B 125 16.44 11.32 10.79
CA ALA B 125 16.38 12.05 9.54
C ALA B 125 15.34 11.41 8.65
N VAL B 126 14.38 12.25 8.23
CA VAL B 126 13.37 11.83 7.30
C VAL B 126 13.48 12.68 6.05
N GLU B 127 13.90 12.08 4.92
CA GLU B 127 14.03 12.88 3.64
C GLU B 127 12.64 13.19 3.09
N ALA B 128 12.46 14.30 2.34
CA ALA B 128 11.11 14.79 2.05
C ALA B 128 10.26 13.83 1.19
N GLY B 129 10.97 13.02 0.40
CA GLY B 129 10.44 12.05 -0.51
C GLY B 129 9.94 10.77 0.20
N ALA B 130 10.29 10.60 1.48
CA ALA B 130 9.90 9.40 2.20
C ALA B 130 8.38 9.38 2.34
N THR B 131 7.75 8.23 2.05
CA THR B 131 6.31 8.03 2.41
C THR B 131 6.11 7.70 3.93
N LEU B 132 4.94 7.99 4.47
CA LEU B 132 4.69 7.67 5.91
C LEU B 132 4.83 6.14 6.15
N GLY B 133 4.40 5.31 5.19
CA GLY B 133 4.51 3.83 5.40
C GLY B 133 5.99 3.48 5.60
N ALA B 134 6.89 4.12 4.86
CA ALA B 134 8.33 3.83 4.98
C ALA B 134 8.84 4.36 6.31
N VAL B 135 8.40 5.56 6.66
CA VAL B 135 8.75 6.14 7.92
C VAL B 135 8.38 5.20 9.08
N TYR B 136 7.14 4.71 9.08
CA TYR B 136 6.69 3.95 10.21
C TYR B 136 7.37 2.63 10.23
N LYS B 137 7.48 2.00 9.06
CA LYS B 137 8.11 0.64 9.08
C LYS B 137 9.57 0.76 9.56
N THR B 138 10.27 1.82 9.13
CA THR B 138 11.73 1.90 9.42
C THR B 138 11.91 2.24 10.90
N LEU B 139 11.23 3.32 11.33
CA LEU B 139 11.34 3.78 12.73
C LEU B 139 10.95 2.64 13.68
N PHE B 140 9.84 1.91 13.39
CA PHE B 140 9.40 0.86 14.27
C PHE B 140 10.22 -0.43 14.14
N ARG B 141 10.35 -1.00 12.94
CA ARG B 141 11.08 -2.30 12.92
C ARG B 141 12.53 -2.16 13.37
N VAL B 142 13.20 -1.04 13.04
CA VAL B 142 14.65 -0.94 13.34
C VAL B 142 14.88 -0.34 14.73
N TRP B 143 14.06 0.64 15.15
CA TRP B 143 14.31 1.32 16.44
C TRP B 143 13.20 1.19 17.50
N GLY B 144 12.07 0.58 17.17
CA GLY B 144 10.99 0.42 18.16
C GLY B 144 10.28 1.75 18.49
N VAL B 145 10.28 2.70 17.56
CA VAL B 145 9.68 4.01 17.88
C VAL B 145 8.80 4.44 16.72
N THR B 146 8.11 5.57 16.90
CA THR B 146 7.31 6.14 15.85
C THR B 146 7.15 7.66 15.99
N LEU B 147 6.45 8.23 15.03
CA LEU B 147 5.97 9.64 15.03
C LEU B 147 4.46 9.67 14.86
N PRO B 148 3.81 10.62 15.55
CA PRO B 148 2.33 10.67 15.51
C PRO B 148 1.86 11.49 14.27
N GLY B 149 2.19 10.93 13.10
CA GLY B 149 1.77 11.49 11.83
C GLY B 149 0.54 10.81 11.29
N GLY B 150 0.34 10.99 10.00
CA GLY B 150 -0.97 10.69 9.43
C GLY B 150 -1.24 9.20 9.31
N ALA B 151 -2.52 8.87 9.16
CA ALA B 151 -2.92 7.52 8.74
C ALA B 151 -2.61 7.06 7.31
N CYS B 152 -2.57 7.88 6.26
CA CYS B 152 -2.33 7.12 4.97
C CYS B 152 -0.87 6.78 4.65
N PRO B 153 -0.53 5.48 4.41
CA PRO B 153 0.93 5.19 4.23
C PRO B 153 1.58 5.85 2.98
N ASP B 154 0.77 6.35 2.03
CA ASP B 154 1.32 6.76 0.72
C ASP B 154 1.62 8.28 0.80
N VAL B 155 1.25 8.90 1.91
CA VAL B 155 1.50 10.40 2.05
C VAL B 155 3.02 10.67 2.15
N GLY B 156 3.49 11.76 1.54
CA GLY B 156 4.94 12.10 1.62
C GLY B 156 5.23 12.96 2.84
N ALA B 157 6.43 12.81 3.40
CA ALA B 157 6.87 13.60 4.56
C ALA B 157 6.92 15.08 4.15
N GLY B 158 7.34 15.32 2.89
CA GLY B 158 7.58 16.69 2.36
C GLY B 158 6.44 17.67 2.70
N GLY B 159 5.24 17.41 2.17
CA GLY B 159 4.14 18.29 2.48
C GLY B 159 3.46 18.03 3.80
N HIS B 160 3.54 16.81 4.28
CA HIS B 160 2.75 16.43 5.44
C HIS B 160 3.31 17.05 6.73
N ILE B 161 4.63 16.96 6.95
CA ILE B 161 5.15 17.45 8.23
C ILE B 161 5.00 19.00 8.25
N LEU B 162 5.37 19.62 7.13
CA LEU B 162 5.32 21.12 7.02
C LEU B 162 3.93 21.66 7.37
N GLY B 163 2.88 20.88 7.08
CA GLY B 163 1.49 21.32 7.26
C GLY B 163 0.93 21.02 8.63
N GLY B 164 1.68 20.35 9.53
CA GLY B 164 1.20 20.13 10.89
C GLY B 164 0.57 18.69 11.01
N GLY B 165 1.15 17.71 10.31
CA GLY B 165 0.59 16.33 10.28
C GLY B 165 0.18 15.76 11.62
N TYR B 166 -0.94 15.01 11.61
CA TYR B 166 -1.45 14.42 12.82
C TYR B 166 -2.02 13.06 12.36
N GLY B 167 -2.45 12.26 13.32
CA GLY B 167 -3.05 11.00 12.97
C GLY B 167 -3.53 10.22 14.16
N PRO B 168 -3.59 8.86 13.98
CA PRO B 168 -4.13 8.02 15.03
C PRO B 168 -3.45 8.22 16.40
N LEU B 169 -2.13 8.45 16.45
CA LEU B 169 -1.41 8.60 17.72
C LEU B 169 -1.30 10.03 18.25
N SER B 170 -2.05 10.97 17.66
CA SER B 170 -1.85 12.36 18.08
C SER B 170 -2.51 12.69 19.43
N ARG B 171 -3.63 12.03 19.79
CA ARG B 171 -4.17 12.27 21.09
C ARG B 171 -3.20 11.76 22.16
N MET B 172 -2.44 10.73 21.83
CA MET B 172 -1.51 10.19 22.84
C MET B 172 -0.16 10.98 22.83
N HIS B 173 0.21 11.51 21.68
CA HIS B 173 1.61 12.02 21.46
C HIS B 173 1.81 13.37 20.77
N GLY B 174 0.70 14.04 20.43
CA GLY B 174 0.78 15.37 19.80
C GLY B 174 0.86 15.30 18.30
N SER B 175 1.23 16.41 17.71
CA SER B 175 1.38 16.46 16.27
C SER B 175 2.78 16.08 15.88
N ILE B 176 2.97 15.65 14.65
CA ILE B 176 4.32 15.27 14.20
C ILE B 176 5.27 16.49 14.35
N VAL B 177 4.74 17.71 14.26
CA VAL B 177 5.58 18.88 14.32
C VAL B 177 6.09 19.16 15.72
N ASP B 178 5.49 18.48 16.71
CA ASP B 178 5.95 18.58 18.10
C ASP B 178 7.27 17.79 18.36
N TYR B 179 7.74 17.05 17.36
CA TYR B 179 9.04 16.31 17.32
C TYR B 179 9.96 16.92 16.30
N LEU B 180 9.58 18.07 15.67
CA LEU B 180 10.51 18.68 14.70
C LEU B 180 11.68 19.42 15.37
N HIS B 181 12.88 18.81 15.33
CA HIS B 181 14.03 19.41 15.94
C HIS B 181 14.78 20.37 14.95
N ALA B 182 14.82 20.02 13.67
CA ALA B 182 15.52 20.81 12.67
C ALA B 182 15.06 20.45 11.28
N VAL B 183 15.36 21.33 10.33
CA VAL B 183 14.99 21.14 8.93
C VAL B 183 16.12 21.72 8.05
N GLU B 184 16.33 21.06 6.92
CA GLU B 184 17.31 21.53 5.93
C GLU B 184 16.47 22.01 4.77
N VAL B 185 16.66 23.27 4.37
CA VAL B 185 15.77 23.91 3.40
C VAL B 185 16.60 24.64 2.36
N VAL B 186 16.21 24.54 1.08
CA VAL B 186 16.89 25.29 0.03
C VAL B 186 16.02 26.52 -0.21
N VAL B 187 16.65 27.67 -0.08
CA VAL B 187 15.92 28.96 -0.11
C VAL B 187 16.49 29.77 -1.22
N VAL B 188 15.71 30.78 -1.62
CA VAL B 188 16.11 31.74 -2.68
C VAL B 188 16.20 33.17 -2.04
N ASP B 189 17.39 33.74 -2.14
CA ASP B 189 17.65 35.05 -1.53
CA ASP B 189 17.79 35.04 -1.59
C ASP B 189 17.33 36.17 -2.50
N ALA B 190 17.32 37.39 -1.99
CA ALA B 190 16.99 38.55 -2.78
C ALA B 190 17.78 38.61 -4.11
N SER B 191 19.06 38.23 -4.03
CA SER B 191 19.95 38.29 -5.20
C SER B 191 19.59 37.27 -6.25
N GLY B 192 18.78 36.24 -5.90
CA GLY B 192 18.39 35.22 -6.86
C GLY B 192 19.23 33.94 -6.76
N ASP B 193 20.26 33.94 -5.91
CA ASP B 193 21.03 32.73 -5.61
C ASP B 193 20.14 31.82 -4.78
N ALA B 194 20.29 30.53 -5.01
CA ALA B 194 19.69 29.58 -4.09
C ALA B 194 20.74 29.17 -3.05
N ARG B 195 20.34 28.87 -1.81
CA ARG B 195 21.30 28.36 -0.86
C ARG B 195 20.65 27.44 0.17
N THR B 196 21.48 26.66 0.83
CA THR B 196 20.95 25.63 1.71
C THR B 196 21.17 26.03 3.16
N VAL B 197 20.12 25.97 3.96
CA VAL B 197 20.21 26.35 5.35
C VAL B 197 19.64 25.26 6.25
N ILE B 198 20.17 25.25 7.45
CA ILE B 198 19.66 24.42 8.51
C ILE B 198 19.02 25.35 9.57
N ALA B 199 17.77 25.04 9.93
CA ALA B 199 17.04 25.82 10.90
C ALA B 199 16.60 24.87 12.01
N THR B 200 16.80 25.25 13.26
CA THR B 200 16.56 24.36 14.43
C THR B 200 15.66 24.99 15.49
N ARG B 201 15.13 24.11 16.35
CA ARG B 201 14.28 24.42 17.53
C ARG B 201 14.99 25.18 18.63
N GLU B 202 16.33 25.35 18.54
CA GLU B 202 17.04 26.06 19.61
C GLU B 202 16.80 27.58 19.49
N PRO B 203 16.32 28.22 20.59
CA PRO B 203 15.94 29.65 20.59
C PRO B 203 17.06 30.57 20.11
N SER B 204 18.33 30.27 20.45
CA SER B 204 19.47 31.12 19.95
C SER B 204 19.89 30.88 18.48
N ASP B 205 19.25 29.94 17.79
CA ASP B 205 19.61 29.64 16.42
C ASP B 205 19.17 30.86 15.58
N PRO B 206 20.11 31.45 14.81
CA PRO B 206 19.75 32.60 13.98
C PRO B 206 18.67 32.32 12.97
N ASN B 207 18.48 31.04 12.60
CA ASN B 207 17.39 30.60 11.71
C ASN B 207 16.16 30.03 12.41
N HIS B 208 16.04 30.29 13.71
CA HIS B 208 14.93 29.75 14.48
C HIS B 208 13.58 30.13 13.90
N ASP B 209 13.46 31.35 13.37
CA ASP B 209 12.15 31.79 12.82
C ASP B 209 11.72 30.86 11.64
N LEU B 210 12.71 30.48 10.82
CA LEU B 210 12.47 29.57 9.70
C LEU B 210 12.07 28.18 10.16
N TRP B 211 12.74 27.70 11.22
CA TRP B 211 12.36 26.45 11.88
C TRP B 211 10.90 26.53 12.32
N TRP B 212 10.55 27.64 12.97
CA TRP B 212 9.22 27.77 13.51
C TRP B 212 8.15 27.67 12.39
N ALA B 213 8.42 28.29 11.23
CA ALA B 213 7.44 28.31 10.11
C ALA B 213 7.26 26.89 9.55
N HIS B 214 8.24 25.98 9.77
CA HIS B 214 8.09 24.58 9.31
C HIS B 214 7.28 23.70 10.23
N THR B 215 6.90 24.24 11.41
CA THR B 215 6.03 23.48 12.37
C THR B 215 4.56 23.76 12.10
N GLY B 216 4.15 23.69 10.84
CA GLY B 216 2.73 24.01 10.53
C GLY B 216 2.51 25.07 9.45
N GLY B 217 3.56 25.77 8.99
CA GLY B 217 3.32 26.84 8.00
C GLY B 217 2.82 26.36 6.64
N GLY B 218 2.96 25.06 6.34
CA GLY B 218 2.47 24.50 5.05
C GLY B 218 3.49 24.47 3.94
N GLY B 219 3.34 23.49 3.05
CA GLY B 219 4.25 23.33 1.94
C GLY B 219 4.14 24.41 0.86
N GLY B 220 5.22 24.53 0.08
CA GLY B 220 5.18 25.34 -1.13
C GLY B 220 5.26 26.83 -0.79
N ASN B 221 5.69 27.17 0.43
CA ASN B 221 5.66 28.57 0.93
C ASN B 221 7.03 29.22 1.15
N PHE B 222 8.00 28.45 1.68
CA PHE B 222 9.26 29.05 2.13
C PHE B 222 10.54 28.64 1.42
N GLY B 223 10.56 27.44 0.81
CA GLY B 223 11.72 26.92 0.16
C GLY B 223 11.53 25.43 0.01
N VAL B 224 12.57 24.76 -0.44
CA VAL B 224 12.47 23.32 -0.66
C VAL B 224 13.06 22.56 0.55
N VAL B 225 12.22 21.86 1.30
CA VAL B 225 12.71 20.97 2.38
C VAL B 225 13.41 19.76 1.76
N VAL B 226 14.71 19.56 2.08
CA VAL B 226 15.41 18.32 1.68
C VAL B 226 15.15 17.23 2.71
N ARG B 227 15.29 17.57 4.00
CA ARG B 227 15.13 16.55 5.08
C ARG B 227 14.69 17.26 6.39
N TYR B 228 13.87 16.54 7.17
CA TYR B 228 13.54 16.92 8.51
C TYR B 228 14.32 16.05 9.49
N TRP B 229 14.72 16.66 10.61
CA TRP B 229 15.17 15.89 11.76
C TRP B 229 14.21 16.00 12.89
N LEU B 230 13.91 14.83 13.49
CA LEU B 230 12.88 14.68 14.50
C LEU B 230 13.38 13.90 15.71
N ARG B 231 13.01 14.39 16.88
CA ARG B 231 13.25 13.77 18.19
C ARG B 231 12.40 14.49 19.22
N THR B 232 12.21 13.84 20.35
CA THR B 232 11.49 14.39 21.48
CA THR B 232 11.45 14.41 21.42
C THR B 232 12.19 15.65 21.96
N ALA B 233 11.43 16.69 22.24
CA ALA B 233 11.98 17.93 22.81
C ALA B 233 12.71 17.69 24.15
N GLU B 234 12.16 16.82 25.00
CA GLU B 234 12.75 16.49 26.34
C GLU B 234 14.17 15.89 26.27
N GLU B 240 20.57 7.92 22.86
CA GLU B 240 20.18 6.53 22.47
C GLU B 240 18.80 6.42 21.71
N PRO B 241 18.86 6.13 20.37
CA PRO B 241 17.70 6.22 19.46
C PRO B 241 16.31 5.63 19.95
N GLY B 242 16.24 4.44 20.57
CA GLY B 242 14.94 3.92 21.05
C GLY B 242 14.28 4.76 22.17
N ARG B 243 15.02 5.74 22.69
CA ARG B 243 14.54 6.64 23.73
C ARG B 243 14.19 8.02 23.15
N LEU B 244 14.56 8.28 21.90
CA LEU B 244 14.49 9.67 21.35
C LEU B 244 13.21 10.06 20.63
N LEU B 245 12.33 9.08 20.44
CA LEU B 245 10.94 9.30 19.93
C LEU B 245 10.01 8.38 20.74
N PRO B 246 8.70 8.64 20.67
CA PRO B 246 7.76 7.81 21.39
C PRO B 246 7.69 6.39 20.94
N ARG B 247 7.48 5.47 21.87
CA ARG B 247 7.17 4.11 21.44
C ARG B 247 5.66 4.01 21.31
N PRO B 248 5.18 3.40 20.23
CA PRO B 248 3.71 3.21 20.12
C PRO B 248 3.21 2.17 21.13
N PRO B 249 1.87 2.05 21.31
CA PRO B 249 1.41 0.83 22.05
C PRO B 249 1.92 -0.41 21.33
N ALA B 250 2.22 -1.49 22.04
CA ALA B 250 2.65 -2.70 21.36
C ALA B 250 1.51 -3.37 20.60
N GLU B 251 0.31 -3.27 21.14
CA GLU B 251 -0.89 -3.84 20.54
C GLU B 251 -2.05 -2.86 20.72
N VAL B 252 -2.98 -2.89 19.75
CA VAL B 252 -4.19 -2.11 19.89
C VAL B 252 -5.44 -2.93 19.69
N LEU B 253 -6.54 -2.48 20.28
CA LEU B 253 -7.85 -3.02 19.90
CA LEU B 253 -7.85 -3.03 19.87
C LEU B 253 -8.38 -2.14 18.78
N LEU B 254 -8.94 -2.76 17.74
CA LEU B 254 -9.54 -2.05 16.61
C LEU B 254 -10.94 -2.51 16.54
N ASN B 255 -11.85 -1.57 16.45
CA ASN B 255 -13.26 -1.92 16.34
C ASN B 255 -13.89 -1.33 15.09
N THR B 256 -14.79 -2.08 14.43
CA THR B 256 -15.62 -1.51 13.37
C THR B 256 -17.01 -1.64 13.87
N THR B 257 -17.77 -0.50 13.82
CA THR B 257 -19.18 -0.50 14.24
C THR B 257 -19.98 0.03 13.06
N VAL B 258 -21.09 -0.64 12.73
CA VAL B 258 -21.85 -0.26 11.53
C VAL B 258 -23.32 -0.20 11.88
N TRP B 259 -23.97 0.94 11.61
CA TRP B 259 -25.40 1.13 11.83
C TRP B 259 -26.09 1.21 10.46
N PRO B 260 -27.05 0.32 10.19
CA PRO B 260 -27.79 0.35 8.95
C PRO B 260 -28.57 1.69 8.83
N TRP B 261 -28.58 2.26 7.64
CA TRP B 261 -29.27 3.52 7.41
C TRP B 261 -30.78 3.34 7.26
N GLU B 262 -31.20 2.18 6.76
CA GLU B 262 -32.65 1.84 6.63
C GLU B 262 -33.36 1.91 7.98
N GLY B 263 -34.46 2.68 8.12
CA GLY B 263 -35.05 2.90 9.48
C GLY B 263 -34.15 3.55 10.56
N LEU B 264 -33.21 4.37 10.08
CA LEU B 264 -32.55 5.34 10.92
C LEU B 264 -33.24 6.71 10.67
N ASP B 265 -34.11 7.17 11.58
CA ASP B 265 -34.71 8.48 11.33
C ASP B 265 -33.84 9.65 11.87
N GLU B 266 -34.35 10.87 11.81
CA GLU B 266 -33.49 12.01 12.05
C GLU B 266 -33.19 12.08 13.55
N ALA B 267 -34.19 11.74 14.39
CA ALA B 267 -33.97 11.70 15.84
C ALA B 267 -32.84 10.75 16.25
N ALA B 268 -32.77 9.58 15.60
CA ALA B 268 -31.81 8.55 16.01
C ALA B 268 -30.43 8.96 15.49
N PHE B 269 -30.41 9.49 14.29
CA PHE B 269 -29.16 10.06 13.73
C PHE B 269 -28.65 11.18 14.66
N ALA B 270 -29.53 12.11 15.07
CA ALA B 270 -29.15 13.22 15.96
C ALA B 270 -28.63 12.71 17.28
N ARG B 271 -29.28 11.70 17.84
CA ARG B 271 -28.85 11.17 19.11
C ARG B 271 -27.45 10.62 19.03
N LEU B 272 -27.15 9.86 17.96
CA LEU B 272 -25.84 9.25 17.79
C LEU B 272 -24.79 10.36 17.68
N VAL B 273 -25.06 11.35 16.85
CA VAL B 273 -24.08 12.47 16.69
C VAL B 273 -23.88 13.17 18.01
N ARG B 274 -24.99 13.49 18.70
CA ARG B 274 -24.87 14.16 20.03
C ARG B 274 -24.10 13.35 21.04
N ASN B 275 -24.41 12.04 21.11
CA ASN B 275 -23.69 11.17 22.03
C ASN B 275 -22.17 11.25 21.77
N HIS B 276 -21.78 11.05 20.52
CA HIS B 276 -20.36 11.06 20.09
C HIS B 276 -19.74 12.44 20.45
N GLY B 277 -20.46 13.52 20.11
CA GLY B 277 -19.95 14.91 20.35
C GLY B 277 -19.74 15.20 21.83
N ARG B 278 -20.74 14.84 22.64
CA ARG B 278 -20.65 15.01 24.08
C ARG B 278 -19.50 14.23 24.64
N TRP B 279 -19.24 13.03 24.12
CA TRP B 279 -18.18 12.17 24.64
C TRP B 279 -16.87 12.85 24.34
N PHE B 280 -16.73 13.37 23.12
CA PHE B 280 -15.46 14.06 22.80
C PHE B 280 -15.29 15.41 23.49
N GLU B 281 -16.40 16.11 23.73
CA GLU B 281 -16.32 17.35 24.53
C GLU B 281 -15.82 17.03 25.95
N GLN B 282 -16.20 15.85 26.50
CA GLN B 282 -15.82 15.55 27.87
C GLN B 282 -14.39 14.93 27.99
N ASN B 283 -13.93 14.26 26.95
CA ASN B 283 -12.82 13.27 27.06
C ASN B 283 -11.65 13.53 26.11
N SER B 284 -11.28 14.82 25.98
CA SER B 284 -10.30 15.25 24.94
C SER B 284 -9.23 16.20 25.52
N GLY B 285 -9.25 16.33 26.85
CA GLY B 285 -8.25 17.13 27.60
C GLY B 285 -6.89 16.45 27.53
N PRO B 286 -5.79 17.23 27.65
CA PRO B 286 -4.45 16.66 27.53
C PRO B 286 -4.14 15.70 28.69
N ASP B 287 -4.87 15.83 29.79
CA ASP B 287 -4.63 14.92 30.89
C ASP B 287 -5.71 13.81 30.99
N SER B 288 -6.56 13.72 29.97
CA SER B 288 -7.60 12.68 29.96
C SER B 288 -7.00 11.25 29.86
N PRO B 289 -7.52 10.30 30.66
CA PRO B 289 -7.07 8.91 30.36
C PRO B 289 -7.40 8.46 28.94
N TRP B 290 -8.36 9.10 28.24
CA TRP B 290 -8.77 8.69 26.90
C TRP B 290 -7.91 9.31 25.77
N CYS B 291 -6.77 9.92 26.14
CA CYS B 291 -5.73 10.29 25.17
C CYS B 291 -5.24 9.04 24.38
N ASP B 292 -5.49 7.84 24.92
CA ASP B 292 -5.08 6.64 24.20
C ASP B 292 -6.15 5.98 23.32
N LEU B 293 -7.27 6.71 23.06
CA LEU B 293 -8.31 6.32 22.13
C LEU B 293 -8.35 7.26 20.91
N TYR B 294 -8.53 6.67 19.73
CA TYR B 294 -8.74 7.41 18.48
C TYR B 294 -9.93 6.80 17.78
N SER B 295 -10.71 7.61 17.04
CA SER B 295 -11.86 7.01 16.29
C SER B 295 -12.21 7.96 15.15
N VAL B 296 -12.82 7.40 14.10
CA VAL B 296 -13.37 8.22 13.04
C VAL B 296 -14.82 7.77 12.93
N LEU B 297 -15.75 8.70 12.98
CA LEU B 297 -17.18 8.40 12.85
C LEU B 297 -17.55 8.96 11.43
N ALA B 298 -18.02 8.09 10.52
CA ALA B 298 -18.30 8.44 9.12
C ALA B 298 -19.82 8.58 8.98
N LEU B 299 -20.26 9.81 8.79
CA LEU B 299 -21.70 10.12 8.52
C LEU B 299 -21.78 10.09 6.98
N THR B 300 -22.16 8.93 6.46
CA THR B 300 -22.20 8.65 5.04
C THR B 300 -23.56 9.06 4.41
N ARG B 301 -23.58 9.16 3.08
CA ARG B 301 -24.82 9.25 2.32
C ARG B 301 -25.70 8.04 2.67
N SER B 302 -26.99 8.27 2.95
CA SER B 302 -27.86 7.12 3.30
C SER B 302 -27.95 6.09 2.15
N GLN B 303 -27.71 6.51 0.89
CA GLN B 303 -27.67 5.58 -0.25
C GLN B 303 -26.62 4.52 -0.03
N SER B 304 -25.61 4.81 0.79
CA SER B 304 -24.50 3.85 0.98
C SER B 304 -24.92 2.62 1.73
N GLY B 305 -26.01 2.69 2.49
CA GLY B 305 -26.50 1.55 3.22
C GLY B 305 -26.29 1.60 4.73
N ALA B 306 -25.25 2.31 5.18
CA ALA B 306 -24.80 2.22 6.57
C ALA B 306 -23.91 3.37 6.99
N LEU B 307 -24.09 3.86 8.24
CA LEU B 307 -23.16 4.76 8.96
C LEU B 307 -22.09 3.83 9.59
N ALA B 308 -20.88 4.31 9.81
CA ALA B 308 -19.85 3.40 10.36
C ALA B 308 -18.88 4.18 11.21
N MET B 309 -18.19 3.51 12.12
CA MET B 309 -17.17 4.18 12.91
C MET B 309 -16.05 3.18 13.18
N THR B 310 -14.81 3.67 13.09
CA THR B 310 -13.63 2.86 13.39
C THR B 310 -12.98 3.43 14.64
N THR B 311 -12.57 2.57 15.54
CA THR B 311 -12.00 2.98 16.82
C THR B 311 -10.73 2.14 17.12
N GLN B 312 -9.70 2.83 17.62
CA GLN B 312 -8.39 2.21 17.92
C GLN B 312 -8.14 2.60 19.39
N LEU B 313 -7.78 1.63 20.22
CA LEU B 313 -7.51 1.92 21.64
C LEU B 313 -6.26 1.16 21.99
N ASP B 314 -5.29 1.83 22.63
CA ASP B 314 -4.14 1.10 23.25
C ASP B 314 -4.63 -0.13 24.04
N ALA B 315 -4.10 -1.30 23.66
CA ALA B 315 -4.59 -2.58 24.25
C ALA B 315 -3.74 -3.02 25.42
N THR B 316 -2.74 -2.23 25.80
CA THR B 316 -1.79 -2.70 26.77
C THR B 316 -2.28 -2.87 28.23
N GLY B 317 -3.25 -2.05 28.66
CA GLY B 317 -3.86 -2.19 30.00
C GLY B 317 -4.76 -3.40 30.10
N PRO B 318 -4.81 -4.04 31.28
CA PRO B 318 -5.69 -5.25 31.40
C PRO B 318 -7.17 -4.93 31.16
N ASP B 319 -7.59 -3.65 31.35
CA ASP B 319 -9.00 -3.33 31.18
C ASP B 319 -9.39 -2.63 29.88
N ALA B 320 -8.52 -2.72 28.87
CA ALA B 320 -8.78 -2.13 27.55
C ALA B 320 -10.11 -2.52 26.91
N GLU B 321 -10.51 -3.81 27.01
CA GLU B 321 -11.71 -4.25 26.29
C GLU B 321 -12.95 -3.59 26.93
N LYS B 322 -12.98 -3.56 28.26
CA LYS B 322 -14.04 -2.88 29.03
C LYS B 322 -14.09 -1.34 28.70
N ARG B 323 -12.90 -0.70 28.62
CA ARG B 323 -12.81 0.74 28.24
C ARG B 323 -13.34 0.97 26.84
N LEU B 324 -12.98 0.10 25.90
CA LEU B 324 -13.51 0.22 24.55
C LEU B 324 -15.05 0.09 24.59
N GLU B 325 -15.55 -0.95 25.27
CA GLU B 325 -17.00 -1.10 25.42
C GLU B 325 -17.76 0.11 26.00
N THR B 326 -17.18 0.80 27.00
CA THR B 326 -17.68 2.05 27.56
C THR B 326 -17.85 3.11 26.49
N TYR B 327 -16.78 3.33 25.69
CA TYR B 327 -16.84 4.28 24.56
C TYR B 327 -17.97 3.92 23.57
N LEU B 328 -18.00 2.65 23.16
CA LEU B 328 -18.91 2.22 22.13
C LEU B 328 -20.37 2.35 22.66
N ALA B 329 -20.60 1.99 23.91
CA ALA B 329 -21.97 2.03 24.52
C ALA B 329 -22.38 3.50 24.62
N ALA B 330 -21.42 4.39 24.88
CA ALA B 330 -21.76 5.82 24.94
C ALA B 330 -22.27 6.35 23.58
N VAL B 331 -21.58 5.98 22.47
CA VAL B 331 -21.96 6.46 21.12
C VAL B 331 -23.35 5.94 20.73
N SER B 332 -23.64 4.70 21.08
CA SER B 332 -24.93 4.09 20.70
C SER B 332 -26.09 4.29 21.67
N GLU B 333 -25.84 4.88 22.83
CA GLU B 333 -26.88 4.92 23.85
C GLU B 333 -28.17 5.59 23.37
N GLY B 334 -29.31 4.90 23.52
CA GLY B 334 -30.62 5.52 23.22
C GLY B 334 -30.86 5.78 21.74
N VAL B 335 -29.94 5.31 20.90
CA VAL B 335 -30.08 5.47 19.43
C VAL B 335 -31.22 4.69 18.82
N GLY B 336 -31.50 3.54 19.40
CA GLY B 336 -32.62 2.71 18.93
C GLY B 336 -32.26 1.85 17.73
N VAL B 337 -31.00 1.92 17.27
CA VAL B 337 -30.47 1.06 16.21
C VAL B 337 -29.26 0.32 16.77
N GLN B 338 -29.38 -1.00 16.90
CA GLN B 338 -28.27 -1.87 17.31
C GLN B 338 -27.18 -2.00 16.24
N PRO B 339 -25.96 -1.53 16.55
CA PRO B 339 -24.97 -1.65 15.52
C PRO B 339 -24.40 -3.05 15.40
N HIS B 340 -23.87 -3.40 14.21
CA HIS B 340 -23.01 -4.55 14.05
C HIS B 340 -21.61 -4.13 14.51
N SER B 341 -21.02 -4.85 15.48
CA SER B 341 -19.68 -4.46 16.00
C SER B 341 -18.68 -5.60 16.00
N ASP B 342 -17.43 -5.31 15.64
CA ASP B 342 -16.39 -6.36 15.42
C ASP B 342 -15.10 -5.76 15.90
N THR B 343 -14.53 -6.38 16.92
CA THR B 343 -13.28 -5.97 17.53
C THR B 343 -12.18 -6.97 17.31
N ARG B 344 -10.99 -6.46 16.97
CA ARG B 344 -9.79 -7.29 16.78
C ARG B 344 -8.62 -6.68 17.53
N ARG B 345 -7.71 -7.50 18.02
CA ARG B 345 -6.54 -7.08 18.73
C ARG B 345 -5.40 -7.39 17.78
N LEU B 346 -4.59 -6.38 17.47
CA LEU B 346 -3.51 -6.52 16.51
C LEU B 346 -2.23 -5.91 17.04
N PRO B 347 -1.07 -6.43 16.57
CA PRO B 347 0.19 -5.77 16.91
C PRO B 347 0.25 -4.42 16.23
N TRP B 348 0.93 -3.44 16.84
CA TRP B 348 0.78 -2.06 16.38
C TRP B 348 1.15 -1.85 14.92
N LEU B 349 2.36 -2.28 14.48
CA LEU B 349 2.71 -1.93 13.08
C LEU B 349 1.73 -2.52 12.05
N HIS B 350 1.31 -3.76 12.32
CA HIS B 350 0.32 -4.42 11.45
C HIS B 350 -0.95 -3.52 11.41
N SER B 351 -1.36 -3.00 12.57
CA SER B 351 -2.59 -2.14 12.64
C SER B 351 -2.57 -0.93 11.68
N THR B 352 -1.37 -0.36 11.46
CA THR B 352 -1.23 0.86 10.68
C THR B 352 -1.50 0.59 9.22
N ARG B 353 -1.48 -0.68 8.82
CA ARG B 353 -1.76 -1.01 7.42
C ARG B 353 -3.16 -1.61 7.19
N TRP B 354 -3.95 -1.74 8.26
CA TRP B 354 -5.34 -2.14 8.15
C TRP B 354 -6.17 -1.00 7.51
N PRO B 355 -6.83 -1.29 6.35
CA PRO B 355 -7.50 -0.17 5.70
C PRO B 355 -8.57 0.52 6.57
N GLY B 356 -9.06 -0.15 7.63
CA GLY B 356 -10.00 0.55 8.54
C GLY B 356 -9.39 1.82 9.16
N ILE B 357 -8.05 1.88 9.30
CA ILE B 357 -7.32 3.02 9.85
C ILE B 357 -6.61 3.75 8.70
N ALA B 358 -6.01 2.99 7.79
CA ALA B 358 -5.08 3.56 6.79
C ALA B 358 -5.86 4.18 5.64
N GLY B 359 -7.17 3.87 5.53
CA GLY B 359 -7.91 4.11 4.28
C GLY B 359 -7.68 3.01 3.23
N ASP B 360 -8.45 3.06 2.14
CA ASP B 360 -8.48 2.03 1.12
C ASP B 360 -7.43 2.09 0.03
N GLY B 361 -6.56 3.10 0.11
CA GLY B 361 -5.47 3.24 -0.89
C GLY B 361 -5.93 3.54 -2.33
N ASP B 362 -7.22 3.82 -2.55
CA ASP B 362 -7.69 4.10 -3.91
C ASP B 362 -7.66 5.61 -4.23
N MET B 363 -6.66 6.05 -5.00
CA MET B 363 -6.54 7.47 -5.30
CA MET B 363 -6.50 7.46 -5.32
C MET B 363 -6.95 7.72 -6.75
N THR B 364 -7.68 6.77 -7.34
CA THR B 364 -8.26 6.94 -8.69
C THR B 364 -9.59 7.64 -8.50
N GLY B 365 -10.28 7.86 -9.60
CA GLY B 365 -11.46 8.77 -9.54
C GLY B 365 -11.10 10.19 -9.07
N ARG B 366 -12.09 10.88 -8.54
CA ARG B 366 -11.91 12.34 -8.32
C ARG B 366 -12.60 12.69 -7.02
N ALA B 367 -12.00 13.61 -6.26
CA ALA B 367 -12.46 13.95 -4.94
C ALA B 367 -12.33 15.45 -4.69
N LYS B 368 -13.29 15.94 -3.93
CA LYS B 368 -13.19 17.28 -3.33
C LYS B 368 -13.26 17.17 -1.82
N ILE B 369 -12.25 17.71 -1.13
CA ILE B 369 -12.20 17.72 0.34
C ILE B 369 -12.42 19.13 0.87
N LYS B 370 -13.17 19.23 1.96
CA LYS B 370 -13.24 20.43 2.80
C LYS B 370 -13.12 20.03 4.23
N ALA B 371 -12.74 20.97 5.12
CA ALA B 371 -12.51 20.57 6.49
C ALA B 371 -12.58 21.75 7.47
N ALA B 372 -12.66 21.43 8.76
CA ALA B 372 -12.80 22.36 9.87
C ALA B 372 -12.32 21.76 11.14
N TYR B 373 -11.80 22.61 12.01
CA TYR B 373 -11.61 22.24 13.44
C TYR B 373 -12.90 22.42 14.21
N ALA B 374 -13.21 21.46 15.07
CA ALA B 374 -14.37 21.54 16.00
C ALA B 374 -13.89 21.71 17.46
N ARG B 375 -14.26 22.83 18.09
CA ARG B 375 -13.92 22.99 19.53
C ARG B 375 -15.03 22.40 20.39
N ARG B 376 -16.21 22.40 19.78
CA ARG B 376 -17.37 21.72 20.35
C ARG B 376 -18.18 21.06 19.23
N SER B 377 -19.05 20.13 19.64
CA SER B 377 -19.70 19.28 18.68
C SER B 377 -20.88 20.02 17.98
N PHE B 378 -21.39 19.43 16.90
CA PHE B 378 -22.46 20.09 16.11
C PHE B 378 -23.73 20.44 16.92
N ASP B 379 -24.27 21.64 16.70
CA ASP B 379 -25.57 22.01 17.30
C ASP B 379 -26.75 21.42 16.49
N ASP B 380 -27.96 21.80 16.89
CA ASP B 380 -29.16 21.25 16.24
C ASP B 380 -29.36 21.51 14.78
N ARG B 381 -29.25 22.79 14.41
CA ARG B 381 -29.41 23.16 13.06
C ARG B 381 -28.44 22.36 12.24
N GLN B 382 -27.14 22.28 12.67
CA GLN B 382 -26.10 21.58 11.93
C GLN B 382 -26.38 20.10 11.77
N ILE B 383 -26.81 19.42 12.84
CA ILE B 383 -27.16 17.99 12.72
C ILE B 383 -28.32 17.78 11.71
N GLY B 384 -29.31 18.69 11.76
CA GLY B 384 -30.43 18.70 10.81
C GLY B 384 -30.01 18.88 9.40
N THR B 385 -29.10 19.81 9.15
CA THR B 385 -28.57 20.06 7.82
C THR B 385 -27.87 18.80 7.26
N LEU B 386 -27.01 18.20 8.08
CA LEU B 386 -26.29 16.93 7.76
C LEU B 386 -27.27 15.86 7.41
N TYR B 387 -28.28 15.68 8.24
CA TYR B 387 -29.25 14.63 7.96
C TYR B 387 -29.94 14.88 6.60
N THR B 388 -30.44 16.09 6.38
CA THR B 388 -31.12 16.38 5.13
C THR B 388 -30.21 16.23 3.93
N ARG B 389 -28.97 16.75 4.03
CA ARG B 389 -28.04 16.65 2.88
C ARG B 389 -27.50 15.25 2.62
N LEU B 390 -27.43 14.43 3.66
CA LEU B 390 -26.99 13.01 3.51
C LEU B 390 -28.09 12.05 3.06
N THR B 391 -29.33 12.42 3.32
CA THR B 391 -30.50 11.68 2.77
C THR B 391 -31.14 12.20 1.44
N SER B 392 -30.86 13.45 1.04
CA SER B 392 -31.45 14.06 -0.18
C SER B 392 -31.26 13.25 -1.47
N THR B 393 -32.30 13.20 -2.30
CA THR B 393 -32.17 12.51 -3.59
C THR B 393 -32.17 13.58 -4.71
N ASP B 394 -32.27 14.87 -4.29
CA ASP B 394 -32.14 16.03 -5.21
C ASP B 394 -30.75 15.93 -5.84
N TYR B 395 -30.04 14.88 -5.42
CA TYR B 395 -28.61 14.76 -5.64
C TYR B 395 -28.28 13.24 -5.57
N ASP B 396 -27.36 12.70 -6.39
CA ASP B 396 -27.12 11.25 -6.32
C ASP B 396 -25.73 10.72 -6.59
N ASN B 397 -25.12 10.26 -5.50
CA ASN B 397 -23.69 10.01 -5.28
C ASN B 397 -23.56 9.38 -3.89
N PRO B 398 -23.38 8.02 -3.84
CA PRO B 398 -23.17 7.13 -2.67
C PRO B 398 -21.95 7.52 -1.88
N ALA B 399 -21.07 8.24 -2.59
CA ALA B 399 -19.83 8.71 -2.03
C ALA B 399 -19.93 10.25 -1.76
N GLY B 400 -20.35 10.46 -0.54
CA GLY B 400 -20.14 11.72 0.13
C GLY B 400 -20.14 11.26 1.54
N VAL B 401 -19.31 11.89 2.37
CA VAL B 401 -19.24 11.53 3.79
C VAL B 401 -18.78 12.78 4.53
N VAL B 402 -19.22 12.90 5.78
CA VAL B 402 -18.65 13.81 6.77
C VAL B 402 -18.02 12.94 7.83
N ALA B 403 -16.69 13.04 7.93
CA ALA B 403 -15.94 12.17 8.86
C ALA B 403 -15.56 13.01 10.07
N LEU B 404 -15.82 12.48 11.23
CA LEU B 404 -15.50 13.16 12.44
C LEU B 404 -14.31 12.45 13.05
N ILE B 405 -13.17 13.12 12.99
CA ILE B 405 -11.87 12.45 13.40
C ILE B 405 -11.45 12.92 14.82
N ALA B 406 -11.32 11.96 15.75
CA ALA B 406 -10.83 12.22 17.12
C ALA B 406 -9.55 13.08 17.11
N TYR B 407 -9.50 14.08 17.97
CA TYR B 407 -8.36 15.01 17.98
C TYR B 407 -8.18 15.57 19.41
N GLY B 408 -7.26 16.50 19.57
CA GLY B 408 -6.98 17.09 20.88
C GLY B 408 -6.11 16.13 21.69
N GLY B 409 -6.50 15.87 22.93
CA GLY B 409 -5.58 15.15 23.87
C GLY B 409 -4.21 15.85 24.00
N LYS B 410 -3.12 15.10 23.82
CA LYS B 410 -1.81 15.72 23.99
C LYS B 410 -1.42 16.80 22.97
N VAL B 411 -2.09 16.82 21.82
CA VAL B 411 -1.97 18.01 20.90
C VAL B 411 -2.21 19.28 21.72
N ASN B 412 -3.18 19.24 22.63
CA ASN B 412 -3.62 20.43 23.36
C ASN B 412 -2.78 20.81 24.56
N ALA B 413 -1.70 20.03 24.87
CA ALA B 413 -0.78 20.38 25.94
C ALA B 413 0.22 21.44 25.44
N VAL B 414 0.24 21.76 24.13
CA VAL B 414 1.25 22.65 23.58
C VAL B 414 0.59 24.02 23.49
N PRO B 415 1.25 25.06 23.99
CA PRO B 415 0.74 26.45 23.84
C PRO B 415 0.46 26.82 22.33
N ALA B 416 -0.59 27.57 22.08
CA ALA B 416 -1.07 27.88 20.72
C ALA B 416 -0.02 28.58 19.88
N ASP B 417 0.92 29.28 20.53
CA ASP B 417 1.97 30.02 19.75
C ASP B 417 3.32 29.32 19.65
N ARG B 418 3.46 28.13 20.22
CA ARG B 418 4.76 27.51 20.25
C ARG B 418 5.19 26.91 18.90
N THR B 419 4.23 26.60 18.07
CA THR B 419 4.47 26.11 16.72
C THR B 419 3.56 26.91 15.79
N ALA B 420 3.63 26.62 14.47
CA ALA B 420 2.74 27.22 13.45
C ALA B 420 1.40 26.48 13.32
N VAL B 421 1.19 25.51 14.21
CA VAL B 421 -0.15 24.88 14.37
C VAL B 421 -0.84 25.61 15.52
N ALA B 422 -1.76 26.49 15.16
CA ALA B 422 -2.30 27.46 16.12
C ALA B 422 -3.56 26.93 16.79
N GLN B 423 -4.10 25.81 16.31
CA GLN B 423 -5.35 25.24 16.90
C GLN B 423 -4.95 24.18 17.94
N ARG B 424 -4.93 24.58 19.19
CA ARG B 424 -4.44 23.73 20.30
C ARG B 424 -5.45 23.55 21.41
N ASP B 425 -6.76 23.65 21.05
CA ASP B 425 -7.85 23.38 22.00
C ASP B 425 -9.05 22.77 21.36
N SER B 426 -8.82 22.13 20.21
CA SER B 426 -9.92 21.42 19.49
C SER B 426 -10.07 19.97 19.93
N ILE B 427 -11.27 19.45 19.69
CA ILE B 427 -11.60 18.02 20.06
C ILE B 427 -11.74 17.08 18.85
N LEU B 428 -12.00 17.65 17.64
CA LEU B 428 -12.19 16.83 16.45
C LEU B 428 -11.69 17.61 15.25
N LYS B 429 -11.29 16.89 14.23
CA LYS B 429 -11.18 17.50 12.88
C LYS B 429 -12.38 16.98 12.12
N ILE B 430 -13.08 17.86 11.41
CA ILE B 430 -14.26 17.41 10.63
C ILE B 430 -13.96 17.50 9.16
N VAL B 431 -14.09 16.38 8.46
CA VAL B 431 -13.68 16.33 7.02
C VAL B 431 -14.89 16.04 6.15
N TYR B 432 -15.12 16.90 5.16
CA TYR B 432 -16.25 16.78 4.27
C TYR B 432 -15.67 16.29 2.96
N VAL B 433 -16.25 15.25 2.41
CA VAL B 433 -15.71 14.71 1.16
C VAL B 433 -16.78 14.24 0.17
N THR B 434 -16.54 14.50 -1.12
CA THR B 434 -17.34 13.83 -2.13
C THR B 434 -16.36 13.26 -3.15
N THR B 435 -16.67 12.08 -3.67
CA THR B 435 -15.84 11.41 -4.71
C THR B 435 -16.70 10.93 -5.89
N TRP B 436 -16.11 10.95 -7.08
CA TRP B 436 -16.85 10.59 -8.27
C TRP B 436 -15.87 10.12 -9.33
N GLU B 437 -16.43 9.57 -10.41
CA GLU B 437 -15.65 8.91 -11.50
C GLU B 437 -15.61 9.70 -12.79
N ASP B 438 -16.76 10.23 -13.19
CA ASP B 438 -16.92 10.87 -14.49
C ASP B 438 -16.24 12.28 -14.51
N PRO B 439 -15.18 12.46 -15.34
CA PRO B 439 -14.42 13.70 -15.31
C PRO B 439 -15.20 14.88 -15.89
N ALA B 440 -16.42 14.64 -16.40
CA ALA B 440 -17.29 15.69 -16.95
C ALA B 440 -18.32 16.14 -15.94
N GLN B 441 -18.31 15.56 -14.72
CA GLN B 441 -19.37 15.81 -13.71
C GLN B 441 -18.81 16.54 -12.50
N ASP B 442 -17.66 17.21 -12.64
CA ASP B 442 -17.14 17.97 -11.47
C ASP B 442 -18.12 18.97 -10.88
N PRO B 443 -18.86 19.70 -11.73
CA PRO B 443 -19.62 20.81 -11.09
C PRO B 443 -20.62 20.35 -10.08
N VAL B 444 -21.33 19.24 -10.36
CA VAL B 444 -22.48 18.83 -9.53
C VAL B 444 -21.94 18.31 -8.20
N HIS B 445 -20.75 17.72 -8.23
CA HIS B 445 -20.12 17.19 -7.00
C HIS B 445 -19.52 18.26 -6.10
N VAL B 446 -18.81 19.22 -6.74
CA VAL B 446 -18.24 20.40 -6.05
C VAL B 446 -19.39 21.24 -5.48
N ARG B 447 -20.46 21.45 -6.29
CA ARG B 447 -21.65 22.17 -5.78
C ARG B 447 -22.22 21.46 -4.51
N TRP B 448 -22.42 20.15 -4.60
CA TRP B 448 -23.02 19.44 -3.46
C TRP B 448 -22.23 19.71 -2.15
N ILE B 449 -20.90 19.57 -2.22
CA ILE B 449 -20.10 19.69 -1.04
C ILE B 449 -20.00 21.15 -0.61
N ARG B 450 -19.89 22.02 -1.60
CA ARG B 450 -19.86 23.47 -1.27
C ARG B 450 -21.11 23.88 -0.49
N GLU B 451 -22.27 23.41 -0.98
CA GLU B 451 -23.55 23.76 -0.35
C GLU B 451 -23.67 23.14 1.04
N LEU B 452 -23.27 21.86 1.18
CA LEU B 452 -23.26 21.27 2.53
C LEU B 452 -22.38 22.04 3.53
N TYR B 453 -21.10 22.30 3.17
CA TYR B 453 -20.22 22.96 4.09
C TYR B 453 -20.71 24.39 4.40
N ARG B 454 -21.11 25.09 3.37
CA ARG B 454 -21.65 26.48 3.59
C ARG B 454 -22.84 26.48 4.57
N ASP B 455 -23.70 25.48 4.45
CA ASP B 455 -24.95 25.41 5.21
C ASP B 455 -24.57 25.09 6.66
N VAL B 456 -23.66 24.14 6.86
CA VAL B 456 -23.19 23.82 8.20
C VAL B 456 -22.63 25.01 8.89
N TYR B 457 -21.83 25.83 8.15
CA TYR B 457 -21.13 26.94 8.77
C TYR B 457 -21.84 28.27 8.47
N ALA B 458 -23.16 28.24 8.12
CA ALA B 458 -23.89 29.41 7.58
C ALA B 458 -23.97 30.53 8.56
N ASP B 459 -23.99 30.20 9.85
CA ASP B 459 -24.11 31.21 10.89
C ASP B 459 -22.83 32.05 11.09
N THR B 460 -21.73 31.58 10.50
CA THR B 460 -20.46 32.31 10.55
C THR B 460 -19.90 32.43 9.14
N GLY B 461 -20.73 32.89 8.21
CA GLY B 461 -20.23 33.27 6.87
C GLY B 461 -19.87 32.12 5.94
N GLY B 462 -20.39 30.92 6.28
CA GLY B 462 -20.23 29.71 5.48
C GLY B 462 -18.84 29.11 5.70
N VAL B 463 -18.09 29.64 6.68
CA VAL B 463 -16.73 29.06 6.98
C VAL B 463 -16.55 28.82 8.48
N PRO B 464 -15.61 27.94 8.87
CA PRO B 464 -15.43 27.70 10.31
C PRO B 464 -14.63 28.78 10.98
N VAL B 465 -15.23 29.91 11.29
CA VAL B 465 -14.48 31.01 11.90
C VAL B 465 -13.84 30.63 13.24
N PRO B 466 -12.53 30.90 13.42
CA PRO B 466 -11.91 30.55 14.69
C PRO B 466 -12.49 31.14 15.96
N GLY B 467 -12.27 30.43 17.08
CA GLY B 467 -12.51 31.02 18.38
C GLY B 467 -13.99 30.92 18.82
N GLY B 468 -14.75 30.00 18.24
CA GLY B 468 -16.19 29.77 18.64
C GLY B 468 -16.46 28.25 18.71
N ALA B 469 -17.55 27.78 18.10
CA ALA B 469 -17.77 26.33 17.99
C ALA B 469 -16.66 25.67 17.11
N ALA B 470 -16.12 26.40 16.11
CA ALA B 470 -15.06 25.92 15.24
C ALA B 470 -13.78 26.61 15.59
N ASP B 471 -12.67 26.06 15.06
CA ASP B 471 -11.42 26.77 15.19
C ASP B 471 -10.64 26.99 13.89
N GLY B 472 -11.35 27.29 12.81
CA GLY B 472 -10.72 27.48 11.51
C GLY B 472 -10.49 26.17 10.81
N ALA B 473 -9.41 26.15 10.05
CA ALA B 473 -9.20 25.07 9.12
C ALA B 473 -7.72 24.61 9.15
N TYR B 474 -7.48 23.44 8.54
CA TYR B 474 -6.17 22.74 8.64
C TYR B 474 -5.50 22.78 7.27
N VAL B 475 -4.26 23.32 7.19
CA VAL B 475 -3.65 23.67 5.92
C VAL B 475 -3.27 22.39 5.08
N ASN B 476 -3.12 21.20 5.74
CA ASN B 476 -3.03 19.94 4.96
C ASN B 476 -4.30 19.41 4.30
N TYR B 477 -5.46 19.99 4.61
CA TYR B 477 -6.72 19.75 3.92
C TYR B 477 -7.11 21.10 3.23
N PRO B 478 -6.28 21.57 2.32
CA PRO B 478 -6.53 22.99 1.78
C PRO B 478 -7.77 23.03 0.89
N ASP B 479 -8.42 24.21 0.91
CA ASP B 479 -9.64 24.41 0.15
C ASP B 479 -9.67 25.88 -0.31
N VAL B 480 -9.39 26.08 -1.59
CA VAL B 480 -9.34 27.42 -2.18
C VAL B 480 -10.65 28.21 -2.01
N ASP B 481 -11.78 27.51 -1.82
CA ASP B 481 -13.07 28.21 -1.56
C ASP B 481 -13.05 29.11 -0.28
N LEU B 482 -12.15 28.83 0.67
CA LEU B 482 -12.05 29.66 1.86
C LEU B 482 -11.51 31.09 1.54
N ALA B 483 -10.96 31.30 0.31
CA ALA B 483 -10.44 32.62 -0.15
C ALA B 483 -11.37 33.22 -1.22
N ASP B 484 -12.52 32.61 -1.43
CA ASP B 484 -13.42 32.97 -2.52
C ASP B 484 -14.62 33.69 -1.89
N GLU B 485 -14.78 34.97 -2.26
CA GLU B 485 -15.88 35.79 -1.78
C GLU B 485 -17.26 35.17 -1.94
N GLU B 486 -17.46 34.38 -2.98
CA GLU B 486 -18.76 33.70 -3.18
C GLU B 486 -19.06 32.67 -2.08
N TRP B 487 -18.02 32.10 -1.44
CA TRP B 487 -18.24 31.01 -0.45
C TRP B 487 -17.85 31.47 0.95
N ASN B 488 -17.13 32.57 1.08
CA ASN B 488 -16.75 32.98 2.41
C ASN B 488 -17.29 34.41 2.59
N THR B 489 -18.37 34.54 3.36
CA THR B 489 -18.95 35.85 3.60
C THR B 489 -18.77 36.26 5.08
N SER B 490 -17.75 35.70 5.72
CA SER B 490 -17.55 35.89 7.18
C SER B 490 -16.76 37.17 7.49
N GLY B 491 -16.12 37.74 6.47
CA GLY B 491 -15.25 38.91 6.71
C GLY B 491 -13.86 38.49 7.19
N VAL B 492 -13.61 37.20 7.43
CA VAL B 492 -12.33 36.75 7.97
C VAL B 492 -11.53 36.12 6.82
N PRO B 493 -10.30 36.54 6.62
CA PRO B 493 -9.63 36.06 5.43
C PRO B 493 -9.13 34.63 5.54
N TRP B 494 -8.93 33.98 4.39
CA TRP B 494 -8.43 32.60 4.37
C TRP B 494 -7.24 32.42 5.35
N SER B 495 -6.33 33.41 5.44
CA SER B 495 -5.11 33.26 6.23
C SER B 495 -5.40 33.14 7.73
N GLU B 496 -6.43 33.85 8.21
CA GLU B 496 -6.78 33.80 9.60
C GLU B 496 -7.55 32.50 9.87
N LEU B 497 -8.33 32.01 8.93
CA LEU B 497 -8.95 30.68 9.14
C LEU B 497 -7.92 29.55 9.33
N TYR B 498 -6.86 29.56 8.53
CA TYR B 498 -5.85 28.46 8.61
C TYR B 498 -4.86 28.70 9.74
N TYR B 499 -4.46 29.96 9.95
CA TYR B 499 -3.30 30.24 10.82
C TYR B 499 -3.59 31.02 12.07
N LYS B 500 -4.82 31.48 12.24
CA LYS B 500 -5.12 32.38 13.37
C LYS B 500 -4.03 33.44 13.58
N ASP B 501 -3.56 33.63 14.79
CA ASP B 501 -2.61 34.72 15.08
C ASP B 501 -1.14 34.39 14.70
N ALA B 502 -0.94 33.21 14.15
CA ALA B 502 0.42 32.79 13.61
C ALA B 502 0.70 33.50 12.29
N TYR B 503 -0.32 34.04 11.62
CA TYR B 503 -0.09 34.54 10.26
C TYR B 503 0.93 35.70 10.16
N PRO B 504 0.84 36.73 11.05
CA PRO B 504 1.86 37.82 10.94
C PRO B 504 3.28 37.31 11.06
N ARG B 505 3.53 36.35 11.95
CA ARG B 505 4.86 35.82 12.09
C ARG B 505 5.26 35.03 10.83
N LEU B 506 4.34 34.23 10.28
CA LEU B 506 4.58 33.53 9.01
C LEU B 506 4.90 34.53 7.92
N GLN B 507 4.17 35.66 7.85
CA GLN B 507 4.51 36.73 6.89
C GLN B 507 5.91 37.32 7.13
N ALA B 508 6.36 37.38 8.40
CA ALA B 508 7.69 37.94 8.61
C ALA B 508 8.75 36.95 8.12
N VAL B 509 8.52 35.68 8.41
CA VAL B 509 9.37 34.59 7.87
C VAL B 509 9.41 34.66 6.33
N LYS B 510 8.24 34.77 5.71
CA LYS B 510 8.15 34.83 4.27
C LYS B 510 8.99 35.98 3.67
N ALA B 511 8.86 37.18 4.25
CA ALA B 511 9.64 38.39 3.78
C ALA B 511 11.12 38.18 3.93
N ARG B 512 11.55 37.56 5.05
CA ARG B 512 12.98 37.32 5.32
C ARG B 512 13.56 36.23 4.39
N TRP B 513 12.85 35.12 4.20
CA TRP B 513 13.44 33.94 3.54
C TRP B 513 13.04 33.69 2.08
N ASP B 514 11.88 34.26 1.62
CA ASP B 514 11.49 34.14 0.22
C ASP B 514 11.03 35.55 -0.26
N PRO B 515 11.95 36.52 -0.16
CA PRO B 515 11.66 37.93 -0.56
C PRO B 515 11.15 38.02 -1.97
N ARG B 516 11.58 37.13 -2.88
CA ARG B 516 11.10 37.18 -4.28
C ARG B 516 9.80 36.48 -4.52
N ASN B 517 9.29 35.84 -3.47
CA ASN B 517 8.03 35.05 -3.62
C ASN B 517 8.09 33.96 -4.74
N VAL B 518 9.22 33.25 -4.77
CA VAL B 518 9.42 32.11 -5.61
C VAL B 518 8.42 31.01 -5.30
N PHE B 519 8.13 30.82 -4.02
CA PHE B 519 7.29 29.66 -3.59
C PHE B 519 5.90 30.19 -3.30
N ARG B 520 4.97 29.83 -4.17
CA ARG B 520 3.61 30.39 -4.03
C ARG B 520 2.58 29.50 -4.70
N HIS B 521 1.30 29.73 -4.39
CA HIS B 521 0.20 28.91 -4.88
C HIS B 521 -1.04 29.55 -4.27
N ALA B 522 -2.22 29.19 -4.71
CA ALA B 522 -3.41 29.60 -3.98
C ALA B 522 -3.19 29.25 -2.51
N LEU B 523 -3.58 30.16 -1.62
CA LEU B 523 -3.44 29.97 -0.15
C LEU B 523 -2.01 29.85 0.28
N SER B 524 -1.08 30.46 -0.44
CA SER B 524 0.27 30.53 0.06
C SER B 524 0.47 31.74 0.95
N VAL B 525 1.39 31.63 1.90
CA VAL B 525 1.74 32.70 2.79
C VAL B 525 2.30 33.87 1.90
N ARG B 526 1.76 35.07 2.09
CA ARG B 526 2.17 36.18 1.26
C ARG B 526 2.33 37.43 2.13
N VAL B 527 3.41 38.18 1.90
CA VAL B 527 3.64 39.39 2.67
C VAL B 527 2.52 40.47 2.44
N PRO B 528 2.40 41.44 3.39
CA PRO B 528 1.37 42.44 3.16
C PRO B 528 1.61 43.21 1.84
N PRO B 529 0.51 43.66 1.20
CA PRO B 529 0.59 44.54 0.04
C PRO B 529 1.47 45.76 0.35
N ALA B 530 2.34 46.10 -0.62
CA ALA B 530 3.37 47.14 -0.43
C ALA B 530 2.91 48.53 -0.88
PA FAD C . 7.87 -14.29 2.95
O1A FAD C . 6.76 -14.80 3.77
O2A FAD C . 8.85 -13.38 3.67
O5B FAD C . 8.60 -15.52 2.23
C5B FAD C . 7.90 -16.56 1.44
C4B FAD C . 8.80 -17.85 1.49
O4B FAD C . 10.06 -17.54 0.84
C3B FAD C . 9.16 -18.29 2.89
O3B FAD C . 9.50 -19.73 2.76
C2B FAD C . 10.49 -17.61 3.22
O2B FAD C . 11.40 -18.22 4.18
C1B FAD C . 11.09 -17.51 1.80
N9A FAD C . 12.02 -16.36 1.69
C8A FAD C . 11.75 -15.08 2.02
N7A FAD C . 12.89 -14.37 1.84
C5A FAD C . 13.86 -15.21 1.43
C6A FAD C . 15.20 -15.00 1.10
N6A FAD C . 15.77 -13.76 1.20
N1A FAD C . 15.91 -16.05 0.72
C2A FAD C . 15.35 -17.27 0.63
N3A FAD C . 14.06 -17.51 0.93
C4A FAD C . 13.28 -16.46 1.30
N1 FAD C . 2.32 -13.72 -6.27
C2 FAD C . 2.35 -13.63 -7.61
O2 FAD C . 3.13 -14.37 -8.28
N3 FAD C . 1.68 -12.64 -8.25
C4 FAD C . 0.85 -11.78 -7.57
O4 FAD C . 0.19 -10.95 -8.26
C4X FAD C . 0.81 -11.87 -6.17
N5 FAD C . 0.07 -11.08 -5.30
C5X FAD C . 0.12 -11.19 -3.96
C6 FAD C . -0.54 -10.32 -3.14
C7 FAD C . -0.63 -10.39 -1.78
C7M FAD C . -1.50 -9.34 -1.03
C8 FAD C . 0.13 -11.42 -1.17
C8M FAD C . 0.14 -11.56 0.34
C9 FAD C . 0.87 -12.30 -1.93
C9A FAD C . 0.82 -12.26 -3.35
N10 FAD C . 1.51 -13.05 -4.19
C10 FAD C . 1.53 -12.91 -5.53
C1' FAD C . 2.30 -14.21 -3.59
C2' FAD C . 3.73 -13.99 -3.29
O2' FAD C . 4.40 -14.13 -4.53
C3' FAD C . 4.19 -15.09 -2.28
O3' FAD C . 3.45 -14.90 -1.09
C4' FAD C . 5.68 -14.80 -2.00
O4' FAD C . 6.40 -16.07 -1.75
C5' FAD C . 5.81 -13.86 -0.81
O5' FAD C . 7.17 -13.41 -0.79
P FAD C . 7.57 -12.60 0.52
O1P FAD C . 6.61 -11.49 0.72
O2P FAD C . 9.11 -12.33 0.59
O3P FAD C . 7.14 -13.64 1.66
N TIR D . -6.82 -11.42 4.70
C1 TIR D . -5.58 -12.17 4.37
O1 TIR D . -4.95 -13.09 2.16
C2 TIR D . -5.81 -12.45 2.92
O2 TIR D . -5.46 -11.56 -5.43
C3 TIR D . -7.02 -11.84 2.37
O3 TIR D . -3.33 -10.96 -4.74
C4 TIR D . -7.62 -11.90 1.02
O4 TIR D . -1.48 -13.73 -6.21
C5 TIR D . -6.94 -12.64 -0.02
O5 TIR D . -8.76 -11.27 0.78
C6 TIR D . -7.36 -12.61 -1.26
O6 TIR D . -8.70 -10.62 3.56
C7 TIR D . -6.72 -13.41 -2.33
C8 TIR D . -6.99 -13.00 -3.62
C9 TIR D . -6.47 -13.69 -4.90
C10 TIR D . -5.19 -12.98 -5.38
C11 TIR D . -4.32 -10.71 -5.77
C12 TIR D . -4.68 -9.20 -5.66
C13 TIR D . -2.84 -12.30 -4.70
C14 TIR D . -4.02 -13.28 -4.42
C15 TIR D . -3.51 -14.73 -4.50
C16 TIR D . -2.01 -12.44 -6.02
C17 TIR D . -2.68 -11.93 -7.30
C18 TIR D . -3.76 -11.08 -7.16
C19 TIR D . -4.37 -10.56 -8.44
C20 TIR D . -7.61 -13.68 -5.94
C21 TIR D . -5.90 -14.65 -2.00
C22 TIR D . -7.56 -11.24 3.58
MG MG E . -9.71 -9.78 2.10
C1 GOL F . 2.80 6.43 -8.24
O1 GOL F . 2.14 7.46 -8.98
C2 GOL F . 1.91 5.53 -7.41
O2 GOL F . 1.29 4.56 -8.26
C3 GOL F . 2.71 4.84 -6.30
O3 GOL F . 3.85 4.17 -6.75
C1 GOL G . 22.96 -1.34 -6.85
O1 GOL G . 24.37 -1.60 -6.96
C2 GOL G . 22.76 -0.07 -6.06
O2 GOL G . 23.49 1.01 -6.61
C3 GOL G . 21.27 0.25 -6.00
O3 GOL G . 20.78 0.03 -4.70
C1 GOL H . -0.68 -7.92 -20.37
O1 GOL H . 0.49 -8.43 -19.74
C2 GOL H . -0.51 -6.43 -20.06
O2 GOL H . -0.02 -5.63 -21.10
C3 GOL H . -1.61 -5.52 -19.59
O3 GOL H . -1.04 -4.22 -19.91
CL CL I . 25.81 -7.29 1.62
CL CL J . 5.99 -25.43 7.47
PA FAD K . 2.56 16.95 -2.21
O1A FAD K . 1.45 17.07 -3.16
O2A FAD K . 3.83 16.44 -2.91
O5B FAD K . 2.81 18.38 -1.44
C5B FAD K . 1.77 19.14 -0.80
C4B FAD K . 2.19 20.64 -0.76
O4B FAD K . 3.48 20.73 -0.11
C3B FAD K . 2.46 21.24 -2.14
O3B FAD K . 2.26 22.66 -2.03
C2B FAD K . 3.91 20.98 -2.38
O2B FAD K . 4.56 21.86 -3.34
C1B FAD K . 4.49 21.15 -0.94
N9A FAD K . 5.72 20.37 -0.72
C8A FAD K . 5.85 19.04 -0.98
N7A FAD K . 7.15 18.73 -0.74
C5A FAD K . 7.81 19.83 -0.25
C6A FAD K . 9.12 20.14 0.15
N6A FAD K . 10.06 19.18 0.17
N1A FAD K . 9.49 21.38 0.58
C2A FAD K . 8.52 22.31 0.55
N3A FAD K . 7.24 22.06 0.17
C4A FAD K . 6.87 20.87 -0.28
N1 FAD K . -3.05 14.41 6.73
C2 FAD K . -3.02 14.29 8.06
O2 FAD K . -2.50 15.19 8.77
N3 FAD K . -3.39 13.17 8.62
C4 FAD K . -3.78 12.11 7.90
O4 FAD K . -4.12 11.03 8.54
C4X FAD K . -3.77 12.22 6.51
N5 FAD K . -4.11 11.21 5.68
C5X FAD K . -4.05 11.32 4.35
C6 FAD K . -4.33 10.21 3.55
C7 FAD K . -4.31 10.27 2.17
C7M FAD K . -4.70 9.03 1.38
C8 FAD K . -3.98 11.49 1.56
C8M FAD K . -3.99 11.62 0.04
C9 FAD K . -3.69 12.59 2.37
C9A FAD K . -3.71 12.54 3.75
N10 FAD K . -3.47 13.63 4.57
C10 FAD K . -3.43 13.47 5.91
C1' FAD K . -3.09 14.95 4.03
C2' FAD K . -1.61 15.19 3.86
O2' FAD K . -1.17 15.54 5.16
C3' FAD K . -1.45 16.42 2.92
O3' FAD K . -1.99 16.05 1.64
C4' FAD K . 0.06 16.70 2.68
O4' FAD K . 0.33 18.06 2.34
C5' FAD K . 0.57 15.76 1.59
O5' FAD K . 2.00 15.85 1.48
P FAD K . 2.69 15.22 0.24
O1P FAD K . 2.14 13.84 0.04
O2P FAD K . 4.22 15.40 0.24
O3P FAD K . 2.03 16.08 -0.98
N TIR L . -10.09 9.23 -4.83
C1 TIR L . -9.21 10.28 -4.39
O1 TIR L . -8.96 11.26 -2.17
C2 TIR L . -9.56 10.42 -2.95
O2 TIR L . -9.48 9.71 5.44
C3 TIR L . -10.59 9.50 -2.48
O3 TIR L . -7.27 9.88 4.88
C4 TIR L . -11.19 9.35 -1.15
O4 TIR L . -6.52 13.04 6.46
C5 TIR L . -10.82 10.24 -0.04
O5 TIR L . -12.09 8.41 -1.02
C6 TIR L . -11.42 10.09 1.15
O6 TIR L . -11.73 7.86 -3.86
C7 TIR L . -11.16 11.00 2.28
C8 TIR L . -11.36 10.47 3.54
C9 TIR L . -11.18 11.24 4.86
C10 TIR L . -9.76 11.11 5.42
C11 TIR L . -8.17 9.34 5.85
C12 TIR L . -8.01 7.79 5.83
C13 TIR L . -7.27 11.32 4.92
C14 TIR L . -8.67 11.83 4.57
C15 TIR L . -8.71 13.39 4.64
C16 TIR L . -6.64 11.67 6.27
C17 TIR L . -7.22 11.04 7.49
C18 TIR L . -7.93 9.88 7.28
C19 TIR L . -8.58 9.16 8.44
C20 TIR L . -12.33 10.84 5.77
C21 TIR L . -10.67 12.43 2.03
C22 TIR L . -10.85 8.80 -3.76
MG MG M . -12.35 6.64 -2.29
C1 GOL N . -3.54 5.51 20.83
O1 GOL N . -3.62 4.14 20.25
C2 GOL N . -4.67 6.30 20.20
O2 GOL N . -4.67 5.99 18.82
C3 GOL N . -4.90 7.79 20.53
O3 GOL N . -3.80 8.56 20.18
CL CL O . 15.47 19.74 20.82
C1 GOL P . 16.36 23.19 -15.03
O1 GOL P . 17.54 23.28 -14.33
C2 GOL P . 15.15 23.75 -14.22
O2 GOL P . 15.23 25.09 -13.80
C3 GOL P . 13.87 23.64 -15.01
O3 GOL P . 14.01 22.83 -16.13
CL CL Q . -14.84 5.00 9.43
CL CL R . -2.58 26.94 -6.93
#